data_3HGS
#
_entry.id   3HGS
#
_cell.length_a   57.610
_cell.length_b   89.500
_cell.length_c   80.680
_cell.angle_alpha   90.000
_cell.angle_beta   107.940
_cell.angle_gamma   90.000
#
_symmetry.space_group_name_H-M   'P 1 21 1'
#
loop_
_entity.id
_entity.type
_entity.pdbx_description
1 polymer '12-oxophytodienoate reductase 3'
2 non-polymer 'FLAVIN MONONUCLEOTIDE'
3 non-polymer 'P-HYDROXYBENZOIC ACID'
4 water water
#
_entity_poly.entity_id   1
_entity_poly.type   'polypeptide(L)'
_entity_poly.pdbx_seq_one_letter_code
;HHHHHHMASSAQDGNNPLFSPYKMGKFNLSHRVVLAPMTRCRALNNIPQAALGEYYEQRATAGGFLITEGTMISPTSAGF
PHVPGIFTKEQVREWKKIVDVVHAKGAVIFCQLWHVGRASHEVYQPAGAAPISSTEKPISNRWRILMPDGTHGIYPKPRA
IGTYEISQVVEDYRRSALNAIEAGFDGIEIHGAHGYLIDQFLKDGINDRTDEYGGSLANRCKFITQVVQAVVSAIGADRV
GVRVSPAIDHLDAMDSNPLSLGLAVVERLNKIQLHSGSKLAYLHVTQPRYVAYGQTEAGRLGSEEEEARLMRTLRNAYQG
TFICSGGYTRELGIEAVAQGDADLVSYGRLFISNPDLVMRIKLNAPLNKYNRKTFYTQDPVVGYTDYPFLQGNGSNGPLS
RL
;
_entity_poly.pdbx_strand_id   A,B
#
# COMPACT_ATOMS: atom_id res chain seq x y z
N ASN A 16 28.80 22.53 -1.87
CA ASN A 16 28.81 21.79 -0.57
C ASN A 16 27.41 21.27 -0.26
N PRO A 17 27.21 19.95 -0.39
CA PRO A 17 25.94 19.25 -0.14
C PRO A 17 25.23 19.60 1.16
N LEU A 18 26.00 19.85 2.22
CA LEU A 18 25.39 20.19 3.51
C LEU A 18 24.54 21.44 3.42
N PHE A 19 24.77 22.25 2.39
CA PHE A 19 24.01 23.49 2.27
C PHE A 19 23.03 23.61 1.11
N SER A 20 22.61 22.46 0.59
CA SER A 20 21.60 22.47 -0.46
C SER A 20 20.31 22.31 0.33
N PRO A 21 19.26 23.04 -0.06
CA PRO A 21 17.98 22.92 0.66
C PRO A 21 17.51 21.48 0.77
N TYR A 22 16.61 21.23 1.71
CA TYR A 22 16.02 19.90 1.89
C TYR A 22 14.63 20.07 2.44
N LYS A 23 13.66 19.47 1.77
CA LYS A 23 12.29 19.57 2.22
C LYS A 23 11.93 18.40 3.13
N MET A 24 11.83 18.69 4.42
CA MET A 24 11.45 17.68 5.40
C MET A 24 9.98 17.92 5.63
N GLY A 25 9.15 17.15 4.92
CA GLY A 25 7.73 17.33 5.06
C GLY A 25 7.38 18.75 4.62
N LYS A 26 6.68 19.48 5.48
CA LYS A 26 6.29 20.84 5.17
C LYS A 26 7.44 21.81 5.39
N PHE A 27 8.48 21.36 6.08
CA PHE A 27 9.61 22.24 6.39
C PHE A 27 10.68 22.37 5.34
N ASN A 28 10.86 23.59 4.85
CA ASN A 28 11.87 23.86 3.85
C ASN A 28 13.16 24.20 4.57
N LEU A 29 14.02 23.21 4.78
CA LEU A 29 15.28 23.45 5.46
C LEU A 29 16.30 24.06 4.51
N SER A 30 16.96 25.12 4.95
CA SER A 30 17.94 25.78 4.11
C SER A 30 19.27 25.02 4.06
N HIS A 31 19.54 24.22 5.08
CA HIS A 31 20.77 23.44 5.11
C HIS A 31 20.54 22.15 5.89
N ARG A 32 21.51 21.24 5.80
CA ARG A 32 21.37 19.94 6.43
C ARG A 32 22.07 19.68 7.76
N VAL A 33 22.55 20.73 8.40
CA VAL A 33 23.24 20.61 9.70
C VAL A 33 22.18 20.68 10.80
N VAL A 34 22.06 19.60 11.56
CA VAL A 34 21.05 19.53 12.61
C VAL A 34 21.64 19.50 14.02
N LEU A 35 20.99 20.19 14.96
CA LEU A 35 21.47 20.16 16.34
C LEU A 35 20.91 18.87 16.93
N ALA A 36 21.81 17.95 17.27
CA ALA A 36 21.38 16.68 17.85
C ALA A 36 20.90 16.89 19.29
N PRO A 37 19.90 16.12 19.73
CA PRO A 37 19.40 16.30 21.10
C PRO A 37 20.52 16.07 22.12
N MET A 38 20.68 17.01 23.06
CA MET A 38 21.73 16.88 24.08
C MET A 38 21.35 17.30 25.50
N THR A 39 21.38 16.35 26.42
CA THR A 39 21.10 16.59 27.82
C THR A 39 22.21 17.49 28.38
N ARG A 40 21.84 18.65 28.93
CA ARG A 40 22.83 19.59 29.47
C ARG A 40 22.59 19.91 30.95
N CYS A 41 21.41 19.53 31.44
CA CYS A 41 21.08 19.70 32.84
C CYS A 41 21.07 21.14 33.36
N ARG A 42 20.53 22.07 32.57
CA ARG A 42 20.44 23.46 33.02
C ARG A 42 19.00 23.79 33.40
N ALA A 43 18.11 22.85 33.11
CA ALA A 43 16.69 23.01 33.41
C ALA A 43 16.40 22.70 34.87
N LEU A 44 16.91 23.57 35.76
CA LEU A 44 16.76 23.42 37.21
C LEU A 44 15.38 22.93 37.62
N ASN A 45 15.37 21.85 38.39
CA ASN A 45 14.12 21.22 38.87
C ASN A 45 13.12 20.90 37.76
N ASN A 46 13.65 20.52 36.60
CA ASN A 46 12.87 20.11 35.44
C ASN A 46 12.08 21.22 34.77
N ILE A 47 12.34 22.45 35.19
CA ILE A 47 11.64 23.59 34.62
C ILE A 47 12.50 24.24 33.54
N PRO A 48 11.98 24.34 32.30
CA PRO A 48 12.80 24.97 31.27
C PRO A 48 13.23 26.34 31.79
N GLN A 49 14.48 26.70 31.56
CA GLN A 49 15.03 27.97 32.04
C GLN A 49 15.35 28.91 30.89
N ALA A 50 15.41 30.20 31.20
CA ALA A 50 15.73 31.21 30.19
C ALA A 50 17.06 30.83 29.53
N ALA A 51 17.92 30.17 30.29
CA ALA A 51 19.22 29.77 29.76
C ALA A 51 19.03 28.90 28.53
N LEU A 52 18.05 27.99 28.59
CA LEU A 52 17.79 27.13 27.45
C LEU A 52 17.43 28.02 26.28
N GLY A 53 16.67 29.07 26.55
CA GLY A 53 16.27 29.99 25.52
C GLY A 53 17.47 30.60 24.82
N GLU A 54 18.42 31.12 25.59
CA GLU A 54 19.60 31.73 25.00
C GLU A 54 20.46 30.68 24.29
N TYR A 55 20.55 29.50 24.90
CA TYR A 55 21.33 28.40 24.34
C TYR A 55 20.82 28.01 22.95
N TYR A 56 19.51 27.74 22.84
CA TYR A 56 18.94 27.34 21.56
C TYR A 56 18.93 28.51 20.56
N GLU A 57 18.68 29.72 21.06
CA GLU A 57 18.66 30.89 20.19
C GLU A 57 20.02 31.06 19.52
N GLN A 58 21.09 30.91 20.30
CA GLN A 58 22.44 31.06 19.76
C GLN A 58 22.70 30.11 18.59
N ARG A 59 22.17 28.89 18.69
CA ARG A 59 22.39 27.88 17.68
C ARG A 59 21.39 27.83 16.53
N ALA A 60 20.24 28.47 16.73
CA ALA A 60 19.20 28.50 15.72
C ALA A 60 19.67 29.28 14.50
N THR A 61 19.24 28.84 13.32
CA THR A 61 19.58 29.53 12.09
C THR A 61 18.33 29.53 11.20
N ALA A 62 18.28 30.49 10.28
CA ALA A 62 17.15 30.58 9.37
C ALA A 62 17.10 29.30 8.54
N GLY A 63 16.02 28.54 8.70
CA GLY A 63 15.89 27.31 7.94
C GLY A 63 16.67 26.15 8.53
N GLY A 64 17.13 26.29 9.78
CA GLY A 64 17.86 25.22 10.43
C GLY A 64 16.94 24.37 11.30
N PHE A 65 17.29 23.11 11.50
CA PHE A 65 16.49 22.20 12.33
C PHE A 65 17.20 21.89 13.65
N LEU A 66 16.49 22.14 14.74
CA LEU A 66 17.01 21.88 16.09
C LEU A 66 16.17 20.82 16.79
N ILE A 67 16.83 19.99 17.59
CA ILE A 67 16.12 18.98 18.37
C ILE A 67 16.56 19.20 19.80
N THR A 68 15.61 19.42 20.70
CA THR A 68 15.93 19.69 22.09
C THR A 68 16.54 18.52 22.83
N GLU A 69 17.13 18.84 23.98
CA GLU A 69 17.69 17.84 24.87
C GLU A 69 16.51 16.91 25.17
N GLY A 70 16.79 15.68 25.59
CA GLY A 70 15.71 14.77 25.91
C GLY A 70 14.85 15.42 26.97
N THR A 71 13.53 15.24 26.88
CA THR A 71 12.61 15.86 27.82
C THR A 71 11.68 14.86 28.51
N MET A 72 11.44 15.08 29.80
CA MET A 72 10.62 14.17 30.59
C MET A 72 9.17 14.07 30.15
N ILE A 73 8.65 12.85 30.13
CA ILE A 73 7.25 12.63 29.77
C ILE A 73 6.41 12.34 31.01
N SER A 74 7.07 12.20 32.16
CA SER A 74 6.35 11.93 33.42
C SER A 74 7.30 12.06 34.61
N PRO A 75 6.75 11.99 35.83
CA PRO A 75 7.55 12.10 37.06
C PRO A 75 8.61 11.01 37.25
N THR A 76 8.44 9.87 36.60
CA THR A 76 9.39 8.78 36.75
C THR A 76 10.33 8.56 35.55
N SER A 77 10.27 9.44 34.57
CA SER A 77 11.07 9.29 33.36
C SER A 77 12.51 9.82 33.35
N ALA A 78 12.95 10.46 34.43
CA ALA A 78 14.30 11.04 34.48
C ALA A 78 15.42 10.21 35.14
N GLY A 79 16.62 10.34 34.57
CA GLY A 79 17.80 9.65 35.08
C GLY A 79 18.99 10.57 35.17
N PHE A 80 18.73 11.87 34.99
CA PHE A 80 19.77 12.89 35.08
C PHE A 80 19.20 14.02 35.92
N PRO A 81 20.05 14.91 36.41
CA PRO A 81 19.53 16.00 37.22
C PRO A 81 19.17 17.20 36.35
N HIS A 82 18.08 17.86 36.72
CA HIS A 82 17.64 19.06 36.06
C HIS A 82 17.46 18.97 34.55
N VAL A 83 16.75 17.94 34.12
CA VAL A 83 16.44 17.80 32.70
C VAL A 83 15.03 18.34 32.59
N PRO A 84 14.74 19.04 31.50
CA PRO A 84 13.39 19.59 31.35
C PRO A 84 12.32 18.53 31.19
N GLY A 85 11.10 18.91 31.54
CA GLY A 85 9.98 18.02 31.40
C GLY A 85 8.96 18.75 30.56
N ILE A 86 7.95 18.03 30.08
CA ILE A 86 6.89 18.68 29.32
C ILE A 86 5.60 17.94 29.61
N PHE A 87 5.47 17.52 30.87
CA PHE A 87 4.28 16.81 31.35
C PHE A 87 3.38 17.67 32.23
N THR A 88 3.80 18.90 32.52
CA THR A 88 2.96 19.81 33.32
C THR A 88 2.72 21.09 32.53
N LYS A 89 1.61 21.75 32.78
CA LYS A 89 1.31 22.98 32.06
C LYS A 89 2.34 24.06 32.33
N GLU A 90 2.92 24.05 33.54
CA GLU A 90 3.92 25.03 33.91
C GLU A 90 5.14 24.91 33.01
N GLN A 91 5.55 23.67 32.74
CA GLN A 91 6.71 23.42 31.90
C GLN A 91 6.37 23.88 30.48
N VAL A 92 5.16 23.55 30.02
CA VAL A 92 4.69 23.94 28.70
C VAL A 92 4.84 25.45 28.52
N ARG A 93 4.39 26.21 29.51
CA ARG A 93 4.49 27.67 29.45
C ARG A 93 5.91 28.15 29.25
N GLU A 94 6.86 27.55 29.96
CA GLU A 94 8.27 27.94 29.85
C GLU A 94 8.88 27.48 28.54
N TRP A 95 8.42 26.36 28.01
CA TRP A 95 8.93 25.86 26.73
C TRP A 95 8.50 26.80 25.61
N LYS A 96 7.27 27.32 25.70
CA LYS A 96 6.75 28.23 24.67
C LYS A 96 7.67 29.43 24.45
N LYS A 97 8.17 30.01 25.53
CA LYS A 97 9.06 31.16 25.42
C LYS A 97 10.34 30.80 24.69
N ILE A 98 10.83 29.58 24.92
CA ILE A 98 12.05 29.11 24.25
C ILE A 98 11.71 28.86 22.78
N VAL A 99 10.58 28.22 22.54
CA VAL A 99 10.17 27.93 21.17
C VAL A 99 9.96 29.21 20.37
N ASP A 100 9.48 30.27 21.02
CA ASP A 100 9.25 31.54 20.33
C ASP A 100 10.55 32.21 19.89
N VAL A 101 11.56 32.17 20.77
CA VAL A 101 12.84 32.78 20.46
C VAL A 101 13.54 32.05 19.32
N VAL A 102 13.33 30.75 19.25
CA VAL A 102 13.92 29.94 18.20
C VAL A 102 13.19 30.21 16.88
N HIS A 103 11.86 30.21 16.93
CA HIS A 103 11.07 30.46 15.73
C HIS A 103 11.38 31.84 15.16
N ALA A 104 11.65 32.79 16.05
CA ALA A 104 11.96 34.16 15.63
C ALA A 104 13.22 34.20 14.76
N LYS A 105 14.03 33.16 14.82
CA LYS A 105 15.24 33.06 14.03
C LYS A 105 14.96 32.30 12.74
N GLY A 106 13.74 31.80 12.61
CA GLY A 106 13.38 31.06 11.42
C GLY A 106 13.76 29.59 11.46
N ALA A 107 14.11 29.10 12.64
CA ALA A 107 14.51 27.70 12.79
C ALA A 107 13.29 26.82 13.04
N VAL A 108 13.49 25.51 12.86
CA VAL A 108 12.44 24.52 13.10
C VAL A 108 12.94 23.78 14.34
N ILE A 109 12.06 23.45 15.27
CA ILE A 109 12.52 22.76 16.47
C ILE A 109 11.53 21.69 16.94
N PHE A 110 12.08 20.52 17.24
CA PHE A 110 11.29 19.38 17.74
C PHE A 110 11.74 19.09 19.16
N CYS A 111 10.80 18.65 19.99
CA CYS A 111 11.11 18.32 21.37
C CYS A 111 11.28 16.82 21.52
N GLN A 112 12.44 16.38 21.97
CA GLN A 112 12.66 14.95 22.16
C GLN A 112 12.04 14.46 23.46
N LEU A 113 11.12 13.51 23.33
CA LEU A 113 10.41 12.89 24.45
C LEU A 113 11.25 11.74 24.98
N TRP A 114 11.66 11.85 26.23
CA TRP A 114 12.56 10.87 26.81
C TRP A 114 12.18 10.22 28.14
N HIS A 115 12.26 8.88 28.18
CA HIS A 115 12.01 8.12 29.40
C HIS A 115 13.25 7.22 29.54
N VAL A 116 13.94 7.31 30.67
CA VAL A 116 15.15 6.53 30.88
C VAL A 116 14.95 5.07 31.28
N GLY A 117 13.76 4.71 31.72
CA GLY A 117 13.55 3.33 32.14
C GLY A 117 14.43 2.99 33.34
N ARG A 118 15.13 1.86 33.26
CA ARG A 118 15.99 1.39 34.36
C ARG A 118 17.25 2.23 34.59
N ALA A 119 17.53 3.17 33.70
CA ALA A 119 18.70 4.02 33.84
C ALA A 119 18.36 5.22 34.71
N SER A 120 17.92 4.94 35.93
CA SER A 120 17.58 5.98 36.88
C SER A 120 18.14 5.60 38.25
N HIS A 121 17.68 6.29 39.29
CA HIS A 121 18.15 6.04 40.65
C HIS A 121 17.03 6.53 41.56
N GLU A 122 16.96 6.00 42.78
CA GLU A 122 15.90 6.42 43.68
C GLU A 122 15.89 7.93 43.87
N VAL A 123 17.05 8.57 43.79
CA VAL A 123 17.13 10.01 43.98
C VAL A 123 16.29 10.75 42.94
N TYR A 124 16.10 10.16 41.76
CA TYR A 124 15.31 10.79 40.70
C TYR A 124 13.89 10.27 40.59
N GLN A 125 13.51 9.37 41.49
CA GLN A 125 12.18 8.80 41.46
C GLN A 125 11.29 9.30 42.58
N PRO A 126 10.02 9.59 42.26
CA PRO A 126 9.10 10.07 43.29
C PRO A 126 9.15 9.06 44.44
N ALA A 127 9.10 9.55 45.67
CA ALA A 127 9.14 8.67 46.84
C ALA A 127 10.27 7.64 46.75
N GLY A 128 11.33 7.98 46.03
CA GLY A 128 12.47 7.08 45.91
C GLY A 128 12.12 5.66 45.47
N ALA A 129 11.06 5.52 44.69
CA ALA A 129 10.64 4.20 44.21
C ALA A 129 11.64 3.65 43.18
N ALA A 130 11.46 2.39 42.80
CA ALA A 130 12.36 1.76 41.83
C ALA A 130 12.02 2.19 40.41
N PRO A 131 13.03 2.36 39.55
CA PRO A 131 12.78 2.78 38.16
C PRO A 131 12.06 1.64 37.45
N ILE A 132 11.29 1.96 36.41
CA ILE A 132 10.58 0.92 35.67
C ILE A 132 11.38 0.46 34.46
N SER A 133 11.00 -0.69 33.92
CA SER A 133 11.69 -1.24 32.77
C SER A 133 10.94 -2.43 32.23
N SER A 134 11.51 -3.07 31.21
CA SER A 134 10.90 -4.23 30.59
C SER A 134 11.33 -5.45 31.37
N THR A 135 12.43 -5.29 32.10
CA THR A 135 13.04 -6.36 32.87
C THR A 135 13.30 -5.98 34.33
N GLU A 136 13.77 -6.94 35.11
CA GLU A 136 14.09 -6.70 36.51
C GLU A 136 15.60 -6.58 36.66
N LYS A 137 16.32 -6.88 35.58
CA LYS A 137 17.76 -6.81 35.61
C LYS A 137 18.25 -5.36 35.59
N PRO A 138 19.26 -5.05 36.41
CA PRO A 138 19.79 -3.68 36.46
C PRO A 138 20.95 -3.50 35.50
N ILE A 139 21.28 -2.25 35.20
CA ILE A 139 22.42 -1.97 34.35
C ILE A 139 23.56 -2.47 35.21
N SER A 140 24.64 -2.95 34.60
CA SER A 140 25.76 -3.47 35.38
C SER A 140 26.53 -2.32 36.03
N ASN A 141 27.52 -2.67 36.84
CA ASN A 141 28.33 -1.68 37.53
C ASN A 141 29.44 -1.11 36.64
N ARG A 142 29.38 -1.43 35.35
CA ARG A 142 30.36 -0.91 34.41
C ARG A 142 29.94 0.51 34.05
N TRP A 143 28.69 0.83 34.36
CA TRP A 143 28.12 2.15 34.09
C TRP A 143 27.66 2.77 35.40
N ARG A 144 27.87 4.07 35.57
CA ARG A 144 27.45 4.74 36.79
C ARG A 144 26.59 5.94 36.42
N ILE A 145 25.56 6.20 37.22
CA ILE A 145 24.65 7.30 36.95
C ILE A 145 25.19 8.59 37.55
N LEU A 146 24.89 9.72 36.93
CA LEU A 146 25.34 11.01 37.44
C LEU A 146 24.37 11.42 38.54
N MET A 147 24.90 11.80 39.70
CA MET A 147 24.05 12.21 40.82
C MET A 147 23.86 13.73 40.91
N PRO A 148 22.81 14.19 41.62
CA PRO A 148 22.55 15.62 41.76
C PRO A 148 23.76 16.42 42.27
N ASP A 149 24.57 15.80 43.12
CA ASP A 149 25.74 16.48 43.67
C ASP A 149 26.99 16.35 42.79
N GLY A 150 26.80 15.88 41.56
CA GLY A 150 27.93 15.76 40.65
C GLY A 150 28.76 14.49 40.75
N THR A 151 28.50 13.67 41.77
CA THR A 151 29.24 12.42 41.90
C THR A 151 28.50 11.36 41.11
N HIS A 152 29.01 10.14 41.11
CA HIS A 152 28.36 9.07 40.35
C HIS A 152 27.71 8.07 41.28
N GLY A 153 26.64 7.46 40.81
CA GLY A 153 25.91 6.50 41.61
C GLY A 153 25.76 5.13 40.97
N ILE A 154 25.10 4.25 41.70
CA ILE A 154 24.86 2.88 41.26
C ILE A 154 23.47 2.74 40.68
N TYR A 155 23.37 2.06 39.53
CA TYR A 155 22.06 1.82 38.92
C TYR A 155 21.42 0.69 39.71
N PRO A 156 20.21 0.92 40.24
CA PRO A 156 19.48 -0.08 41.03
C PRO A 156 18.68 -1.07 40.19
N LYS A 157 18.11 -2.06 40.87
CA LYS A 157 17.28 -3.05 40.21
C LYS A 157 15.97 -2.39 39.84
N PRO A 158 15.56 -2.50 38.58
CA PRO A 158 14.30 -1.89 38.16
C PRO A 158 13.12 -2.82 38.36
N ARG A 159 11.92 -2.28 38.20
CA ARG A 159 10.69 -3.06 38.31
C ARG A 159 10.14 -3.26 36.91
N ALA A 160 9.84 -4.50 36.55
CA ALA A 160 9.33 -4.85 35.23
C ALA A 160 7.82 -4.59 35.17
N ILE A 161 7.40 -3.76 34.22
CA ILE A 161 5.99 -3.41 34.11
C ILE A 161 5.12 -4.34 33.26
N GLY A 162 3.84 -4.36 33.58
CA GLY A 162 2.89 -5.19 32.85
C GLY A 162 2.22 -4.47 31.70
N THR A 163 1.31 -5.18 31.04
CA THR A 163 0.59 -4.65 29.89
C THR A 163 -0.15 -3.35 30.15
N TYR A 164 -0.87 -3.31 31.27
CA TYR A 164 -1.62 -2.12 31.63
C TYR A 164 -0.68 -0.93 31.88
N GLU A 165 0.40 -1.16 32.62
CA GLU A 165 1.32 -0.06 32.91
C GLU A 165 2.02 0.40 31.63
N ILE A 166 2.24 -0.53 30.71
CA ILE A 166 2.87 -0.17 29.46
C ILE A 166 1.96 0.83 28.75
N SER A 167 0.65 0.58 28.81
CA SER A 167 -0.30 1.48 28.18
C SER A 167 -0.33 2.84 28.90
N GLN A 168 -0.03 2.85 30.19
CA GLN A 168 -0.01 4.10 30.93
C GLN A 168 1.19 4.93 30.47
N VAL A 169 2.33 4.27 30.27
CA VAL A 169 3.52 4.98 29.80
C VAL A 169 3.31 5.49 28.37
N VAL A 170 2.66 4.68 27.54
CA VAL A 170 2.38 5.07 26.16
C VAL A 170 1.56 6.36 26.24
N GLU A 171 0.59 6.37 27.16
CA GLU A 171 -0.26 7.56 27.34
C GLU A 171 0.57 8.77 27.77
N ASP A 172 1.62 8.56 28.54
CA ASP A 172 2.45 9.68 28.97
C ASP A 172 3.15 10.27 27.75
N TYR A 173 3.57 9.41 26.82
CA TYR A 173 4.22 9.90 25.61
C TYR A 173 3.18 10.71 24.84
N ARG A 174 1.96 10.17 24.77
CA ARG A 174 0.89 10.82 24.04
C ARG A 174 0.60 12.22 24.60
N ARG A 175 0.39 12.27 25.91
CA ARG A 175 0.08 13.52 26.58
C ARG A 175 1.23 14.53 26.43
N SER A 176 2.46 14.05 26.51
CA SER A 176 3.62 14.94 26.38
C SER A 176 3.72 15.48 24.94
N ALA A 177 3.35 14.66 23.97
CA ALA A 177 3.38 15.07 22.57
C ALA A 177 2.36 16.19 22.36
N LEU A 178 1.20 16.08 23.00
CA LEU A 178 0.18 17.11 22.88
C LEU A 178 0.70 18.38 23.55
N ASN A 179 1.37 18.22 24.68
CA ASN A 179 1.93 19.37 25.39
C ASN A 179 2.99 20.04 24.52
N ALA A 180 3.81 19.24 23.84
CA ALA A 180 4.85 19.80 22.98
C ALA A 180 4.21 20.67 21.89
N ILE A 181 3.13 20.18 21.31
CA ILE A 181 2.42 20.90 20.26
C ILE A 181 1.79 22.15 20.87
N GLU A 182 1.27 22.03 22.08
CA GLU A 182 0.66 23.19 22.73
C GLU A 182 1.74 24.24 22.99
N ALA A 183 2.97 23.80 23.25
CA ALA A 183 4.05 24.74 23.51
C ALA A 183 4.52 25.44 22.23
N GLY A 184 4.11 24.93 21.08
CA GLY A 184 4.52 25.55 19.83
C GLY A 184 5.56 24.77 19.03
N PHE A 185 6.11 23.70 19.62
CA PHE A 185 7.10 22.90 18.90
C PHE A 185 6.52 22.48 17.56
N ASP A 186 7.38 22.29 16.57
CA ASP A 186 6.94 21.88 15.25
C ASP A 186 6.71 20.37 15.22
N GLY A 187 7.19 19.69 16.25
CA GLY A 187 7.02 18.25 16.35
C GLY A 187 7.79 17.66 17.51
N ILE A 188 7.77 16.35 17.65
CA ILE A 188 8.48 15.71 18.74
C ILE A 188 9.33 14.58 18.17
N GLU A 189 10.33 14.15 18.92
CA GLU A 189 11.17 13.04 18.51
C GLU A 189 11.07 11.98 19.60
N ILE A 190 10.62 10.79 19.24
CA ILE A 190 10.51 9.71 20.20
C ILE A 190 11.91 9.16 20.40
N HIS A 191 12.41 9.26 21.64
CA HIS A 191 13.74 8.75 21.96
C HIS A 191 13.64 7.25 22.20
N GLY A 192 14.10 6.45 21.25
CA GLY A 192 14.04 5.01 21.39
C GLY A 192 15.42 4.39 21.23
N ALA A 193 16.43 5.11 21.67
CA ALA A 193 17.81 4.65 21.53
C ALA A 193 18.59 4.70 22.83
N HIS A 194 19.90 4.45 22.68
CA HIS A 194 20.87 4.52 23.74
C HIS A 194 20.61 3.80 25.06
N GLY A 195 19.95 2.64 25.00
CA GLY A 195 19.70 1.88 26.20
C GLY A 195 18.62 2.34 27.15
N TYR A 196 17.78 3.27 26.71
CA TYR A 196 16.73 3.76 27.58
C TYR A 196 15.45 2.92 27.50
N LEU A 197 14.39 3.37 28.16
CA LEU A 197 13.16 2.60 28.22
C LEU A 197 12.78 1.88 26.93
N ILE A 198 12.52 2.63 25.87
CA ILE A 198 12.16 2.00 24.60
C ILE A 198 13.23 1.00 24.14
N ASP A 199 14.49 1.40 24.27
CA ASP A 199 15.58 0.53 23.85
C ASP A 199 15.66 -0.71 24.74
N GLN A 200 15.14 -0.60 25.97
CA GLN A 200 15.14 -1.73 26.89
C GLN A 200 14.16 -2.81 26.45
N PHE A 201 13.22 -2.45 25.58
CA PHE A 201 12.27 -3.41 25.06
C PHE A 201 12.79 -3.93 23.72
N LEU A 202 13.52 -3.07 23.00
CA LEU A 202 14.08 -3.43 21.70
C LEU A 202 15.22 -4.46 21.71
N LYS A 203 16.24 -4.20 22.52
CA LYS A 203 17.43 -5.06 22.60
C LYS A 203 17.22 -6.40 23.30
N ASP A 204 17.56 -7.50 22.62
CA ASP A 204 17.37 -8.82 23.22
C ASP A 204 18.41 -9.06 24.31
N GLY A 205 19.37 -8.16 24.44
CA GLY A 205 20.38 -8.30 25.48
C GLY A 205 19.82 -7.81 26.81
N ILE A 206 18.63 -7.20 26.76
CA ILE A 206 17.98 -6.67 27.95
C ILE A 206 16.59 -7.27 28.13
N ASN A 207 15.82 -7.27 27.05
CA ASN A 207 14.47 -7.79 27.08
C ASN A 207 14.46 -9.30 27.28
N ASP A 208 14.15 -9.72 28.50
CA ASP A 208 14.07 -11.14 28.83
C ASP A 208 12.65 -11.50 29.18
N ARG A 209 11.67 -10.83 28.56
CA ARG A 209 10.26 -11.09 28.84
C ARG A 209 9.75 -12.33 28.15
N THR A 210 8.67 -12.88 28.69
CA THR A 210 8.07 -14.09 28.13
C THR A 210 6.64 -13.83 27.66
N ASP A 211 6.19 -12.58 27.77
CA ASP A 211 4.85 -12.24 27.31
C ASP A 211 4.93 -11.70 25.89
N GLU A 212 3.89 -11.01 25.44
CA GLU A 212 3.86 -10.50 24.07
C GLU A 212 4.74 -9.29 23.77
N TYR A 213 5.59 -8.90 24.71
CA TYR A 213 6.49 -7.77 24.49
C TYR A 213 7.93 -8.26 24.50
N GLY A 214 8.11 -9.57 24.49
CA GLY A 214 9.45 -10.13 24.51
C GLY A 214 9.62 -11.37 23.64
N GLY A 215 10.87 -11.72 23.39
CA GLY A 215 11.16 -12.88 22.57
C GLY A 215 11.50 -12.49 21.14
N SER A 216 10.54 -12.71 20.24
CA SER A 216 10.72 -12.41 18.83
C SER A 216 10.90 -10.92 18.54
N LEU A 217 11.35 -10.63 17.31
CA LEU A 217 11.55 -9.27 16.86
C LEU A 217 10.23 -8.51 16.88
N ALA A 218 9.17 -9.16 16.40
CA ALA A 218 7.87 -8.52 16.37
C ALA A 218 7.45 -8.10 17.79
N ASN A 219 7.61 -9.01 18.74
CA ASN A 219 7.24 -8.71 20.13
C ASN A 219 8.12 -7.60 20.73
N ARG A 220 9.42 -7.67 20.49
CA ARG A 220 10.31 -6.65 21.03
C ARG A 220 10.04 -5.29 20.42
N CYS A 221 9.52 -5.28 19.19
CA CYS A 221 9.22 -4.03 18.50
C CYS A 221 7.84 -3.47 18.88
N LYS A 222 7.04 -4.29 19.57
CA LYS A 222 5.71 -3.87 19.95
C LYS A 222 5.63 -2.55 20.73
N PHE A 223 6.50 -2.39 21.73
CA PHE A 223 6.47 -1.19 22.54
C PHE A 223 6.74 0.08 21.75
N ILE A 224 7.80 0.11 20.95
CA ILE A 224 8.08 1.32 20.19
C ILE A 224 6.93 1.56 19.19
N THR A 225 6.36 0.49 18.66
CA THR A 225 5.26 0.64 17.72
C THR A 225 4.06 1.28 18.40
N GLN A 226 3.69 0.79 19.59
CA GLN A 226 2.55 1.36 20.30
C GLN A 226 2.78 2.83 20.65
N VAL A 227 4.01 3.14 21.04
CA VAL A 227 4.36 4.51 21.39
C VAL A 227 4.25 5.41 20.16
N VAL A 228 4.82 4.97 19.05
CA VAL A 228 4.76 5.78 17.84
C VAL A 228 3.31 5.96 17.37
N GLN A 229 2.55 4.87 17.40
CA GLN A 229 1.16 4.93 16.96
C GLN A 229 0.38 5.94 17.79
N ALA A 230 0.57 5.91 19.10
CA ALA A 230 -0.15 6.82 19.98
C ALA A 230 0.12 8.29 19.68
N VAL A 231 1.38 8.66 19.47
CA VAL A 231 1.66 10.07 19.20
C VAL A 231 1.20 10.46 17.79
N VAL A 232 1.38 9.55 16.84
CA VAL A 232 0.94 9.81 15.47
C VAL A 232 -0.55 10.11 15.47
N SER A 233 -1.33 9.24 16.12
CA SER A 233 -2.77 9.43 16.21
C SER A 233 -3.14 10.68 16.99
N ALA A 234 -2.16 11.26 17.68
CA ALA A 234 -2.42 12.44 18.49
C ALA A 234 -2.07 13.77 17.83
N ILE A 235 -0.93 13.80 17.14
CA ILE A 235 -0.51 15.04 16.51
C ILE A 235 -0.20 14.88 15.04
N GLY A 236 -0.36 13.66 14.54
CA GLY A 236 -0.09 13.42 13.14
C GLY A 236 1.33 12.96 12.87
N ALA A 237 1.45 12.00 11.96
CA ALA A 237 2.73 11.44 11.58
C ALA A 237 3.75 12.49 11.12
N ASP A 238 3.27 13.57 10.50
CA ASP A 238 4.17 14.61 10.00
C ASP A 238 4.94 15.38 11.09
N ARG A 239 4.43 15.35 12.32
CA ARG A 239 5.11 16.05 13.40
C ARG A 239 5.80 15.07 14.35
N VAL A 240 6.04 13.86 13.85
CA VAL A 240 6.68 12.83 14.67
C VAL A 240 7.95 12.25 14.06
N GLY A 241 9.05 12.37 14.80
CA GLY A 241 10.34 11.84 14.39
C GLY A 241 10.65 10.70 15.33
N VAL A 242 11.49 9.76 14.89
CA VAL A 242 11.83 8.63 15.73
C VAL A 242 13.33 8.40 15.73
N ARG A 243 13.89 8.16 16.92
CA ARG A 243 15.31 7.91 17.02
C ARG A 243 15.62 6.55 17.63
N VAL A 244 16.54 5.84 16.99
CA VAL A 244 16.98 4.52 17.44
C VAL A 244 18.48 4.35 17.25
N SER A 245 19.05 3.32 17.86
CA SER A 245 20.48 3.06 17.75
C SER A 245 20.71 1.57 18.01
N PRO A 246 20.36 0.74 17.03
CA PRO A 246 20.53 -0.71 17.20
C PRO A 246 21.97 -1.15 17.43
N ALA A 247 22.93 -0.45 16.82
CA ALA A 247 24.34 -0.82 16.95
C ALA A 247 25.11 -0.17 18.11
N ILE A 248 24.42 0.58 18.96
CA ILE A 248 25.07 1.21 20.10
C ILE A 248 24.66 0.45 21.36
N ASP A 249 25.63 0.03 22.17
CA ASP A 249 25.35 -0.74 23.37
C ASP A 249 25.39 0.00 24.70
N HIS A 250 25.37 1.32 24.64
CA HIS A 250 25.36 2.18 25.82
C HIS A 250 24.46 1.61 26.92
N LEU A 251 24.95 1.58 28.16
CA LEU A 251 24.15 1.05 29.28
C LEU A 251 23.73 -0.42 29.11
N ASP A 252 24.68 -1.27 28.71
CA ASP A 252 24.43 -2.69 28.51
C ASP A 252 23.17 -2.91 27.68
N ALA A 253 23.10 -2.20 26.57
CA ALA A 253 21.96 -2.30 25.68
C ALA A 253 22.41 -2.87 24.35
N MET A 254 22.76 -4.15 24.36
CA MET A 254 23.23 -4.81 23.15
C MET A 254 22.21 -5.80 22.60
N ASP A 255 22.30 -6.06 21.30
CA ASP A 255 21.42 -7.00 20.64
C ASP A 255 22.28 -8.01 19.89
N SER A 256 21.84 -9.26 19.84
CA SER A 256 22.60 -10.29 19.17
C SER A 256 22.77 -9.99 17.68
N ASN A 257 21.84 -9.22 17.11
CA ASN A 257 21.88 -8.90 15.68
C ASN A 257 21.43 -7.46 15.43
N PRO A 258 22.33 -6.49 15.61
CA PRO A 258 22.02 -5.07 15.41
C PRO A 258 21.28 -4.76 14.10
N LEU A 259 21.81 -5.25 12.99
CA LEU A 259 21.22 -5.01 11.68
C LEU A 259 19.82 -5.57 11.52
N SER A 260 19.59 -6.78 12.05
CA SER A 260 18.28 -7.40 11.97
C SER A 260 17.28 -6.59 12.80
N LEU A 261 17.67 -6.20 14.00
CA LEU A 261 16.79 -5.42 14.86
C LEU A 261 16.43 -4.08 14.22
N GLY A 262 17.42 -3.39 13.65
CA GLY A 262 17.17 -2.12 13.02
C GLY A 262 16.18 -2.26 11.87
N LEU A 263 16.38 -3.25 11.02
CA LEU A 263 15.48 -3.47 9.90
C LEU A 263 14.09 -3.83 10.39
N ALA A 264 14.02 -4.58 11.47
CA ALA A 264 12.73 -4.96 12.04
C ALA A 264 12.00 -3.69 12.46
N VAL A 265 12.74 -2.74 13.05
CA VAL A 265 12.14 -1.47 13.46
C VAL A 265 11.70 -0.68 12.24
N VAL A 266 12.57 -0.61 11.23
CA VAL A 266 12.25 0.13 10.04
C VAL A 266 10.98 -0.40 9.40
N GLU A 267 10.83 -1.72 9.36
CA GLU A 267 9.62 -2.27 8.75
C GLU A 267 8.35 -1.86 9.51
N ARG A 268 8.43 -1.79 10.83
CA ARG A 268 7.27 -1.39 11.62
C ARG A 268 6.91 0.07 11.31
N LEU A 269 7.92 0.91 11.18
CA LEU A 269 7.69 2.34 10.89
C LEU A 269 7.08 2.53 9.51
N ASN A 270 7.60 1.84 8.51
CA ASN A 270 7.07 1.93 7.15
C ASN A 270 5.60 1.50 7.16
N LYS A 271 5.33 0.43 7.90
CA LYS A 271 3.98 -0.10 8.02
C LYS A 271 3.07 0.95 8.66
N ILE A 272 3.56 1.61 9.71
CA ILE A 272 2.77 2.64 10.36
C ILE A 272 2.44 3.77 9.38
N GLN A 273 3.43 4.21 8.61
CA GLN A 273 3.19 5.27 7.65
C GLN A 273 2.14 4.87 6.62
N LEU A 274 2.28 3.68 6.05
CA LEU A 274 1.31 3.22 5.07
C LEU A 274 -0.11 3.12 5.62
N HIS A 275 -0.27 2.53 6.79
CA HIS A 275 -1.60 2.40 7.37
C HIS A 275 -2.15 3.76 7.78
N SER A 276 -1.30 4.58 8.39
CA SER A 276 -1.75 5.90 8.81
C SER A 276 -2.00 6.77 7.59
N GLY A 277 -1.39 6.42 6.46
CA GLY A 277 -1.57 7.19 5.24
C GLY A 277 -0.71 8.46 5.22
N SER A 278 0.37 8.49 5.99
CA SER A 278 1.24 9.67 6.03
C SER A 278 2.62 9.31 6.53
N LYS A 279 3.65 9.99 6.04
CA LYS A 279 5.02 9.70 6.46
C LYS A 279 5.40 10.41 7.75
N LEU A 280 6.31 9.80 8.50
CA LEU A 280 6.80 10.37 9.74
C LEU A 280 7.71 11.54 9.37
N ALA A 281 8.03 12.40 10.32
CA ALA A 281 8.91 13.52 10.03
C ALA A 281 10.24 12.97 9.53
N TYR A 282 10.73 11.93 10.20
CA TYR A 282 12.02 11.35 9.84
C TYR A 282 12.38 10.19 10.73
N LEU A 283 13.42 9.46 10.34
CA LEU A 283 13.99 8.36 11.11
C LEU A 283 15.39 8.90 11.44
N HIS A 284 15.73 8.86 12.72
CA HIS A 284 17.00 9.39 13.22
C HIS A 284 17.79 8.23 13.84
N VAL A 285 19.00 7.98 13.34
CA VAL A 285 19.80 6.87 13.85
C VAL A 285 21.22 7.23 14.30
N THR A 286 21.56 6.86 15.52
CA THR A 286 22.90 7.13 16.03
C THR A 286 23.73 5.90 15.72
N GLN A 287 24.92 6.13 15.16
CA GLN A 287 25.82 5.04 14.81
C GLN A 287 27.07 5.02 15.70
N PRO A 288 27.68 3.83 15.86
CA PRO A 288 28.89 3.67 16.66
C PRO A 288 30.08 4.08 15.78
N ARG A 289 31.23 4.31 16.41
CA ARG A 289 32.46 4.67 15.70
C ARG A 289 33.59 3.81 16.25
N TYR A 290 34.19 2.98 15.40
CA TYR A 290 35.27 2.12 15.85
C TYR A 290 36.53 2.94 16.13
N VAL A 291 37.49 2.33 16.83
CA VAL A 291 38.73 3.01 17.16
C VAL A 291 39.91 2.25 16.57
N ALA A 292 40.75 2.96 15.81
CA ALA A 292 41.91 2.35 15.19
C ALA A 292 43.19 2.85 15.88
N TYR A 293 44.17 3.30 15.08
CA TYR A 293 45.40 3.78 15.65
C TYR A 293 45.94 5.03 14.97
N GLY A 294 46.38 5.99 15.78
CA GLY A 294 46.92 7.23 15.25
C GLY A 294 46.22 7.63 13.98
N GLN A 295 44.90 7.60 14.00
CA GLN A 295 44.08 7.95 12.85
C GLN A 295 42.81 8.68 13.31
N GLU A 304 32.72 -0.46 1.96
CA GLU A 304 32.59 0.80 2.67
C GLU A 304 32.85 0.62 4.15
N GLU A 305 32.67 -0.62 4.63
CA GLU A 305 32.86 -1.02 6.02
C GLU A 305 31.54 -1.37 6.69
N GLU A 306 31.58 -2.36 7.59
CA GLU A 306 30.40 -2.84 8.31
C GLU A 306 29.50 -1.73 8.86
N GLU A 307 30.07 -0.83 9.66
CA GLU A 307 29.31 0.26 10.28
C GLU A 307 28.62 1.18 9.27
N ALA A 308 29.33 1.55 8.21
CA ALA A 308 28.75 2.43 7.21
C ALA A 308 27.62 1.72 6.47
N ARG A 309 27.86 0.46 6.12
CA ARG A 309 26.86 -0.33 5.41
C ARG A 309 25.59 -0.56 6.23
N LEU A 310 25.75 -0.68 7.54
CA LEU A 310 24.59 -0.91 8.39
C LEU A 310 23.71 0.34 8.36
N MET A 311 24.33 1.51 8.34
CA MET A 311 23.58 2.75 8.30
C MET A 311 22.90 2.93 6.96
N ARG A 312 23.65 2.73 5.88
CA ARG A 312 23.09 2.86 4.53
C ARG A 312 21.93 1.89 4.35
N THR A 313 22.03 0.72 4.97
CA THR A 313 20.99 -0.29 4.85
C THR A 313 19.68 0.14 5.52
N LEU A 314 19.76 0.69 6.72
CA LEU A 314 18.56 1.15 7.40
C LEU A 314 17.95 2.30 6.60
N ARG A 315 18.82 3.14 6.03
CA ARG A 315 18.35 4.29 5.25
C ARG A 315 17.63 3.81 4.00
N ASN A 316 18.24 2.88 3.28
CA ASN A 316 17.63 2.35 2.06
C ASN A 316 16.30 1.62 2.34
N ALA A 317 16.20 1.00 3.51
CA ALA A 317 14.99 0.27 3.86
C ALA A 317 13.88 1.18 4.34
N TYR A 318 14.25 2.32 4.90
CA TYR A 318 13.25 3.25 5.42
C TYR A 318 12.69 4.21 4.38
N GLN A 319 11.36 4.20 4.25
CA GLN A 319 10.68 5.05 3.28
C GLN A 319 10.42 6.45 3.84
N GLY A 320 11.44 7.30 3.76
CA GLY A 320 11.30 8.64 4.27
C GLY A 320 12.64 9.30 4.58
N THR A 321 12.57 10.45 5.25
CA THR A 321 13.74 11.22 5.62
C THR A 321 14.64 10.50 6.64
N PHE A 322 15.93 10.52 6.39
CA PHE A 322 16.90 9.87 7.24
C PHE A 322 17.94 10.83 7.82
N ILE A 323 18.08 10.81 9.14
CA ILE A 323 19.05 11.67 9.80
C ILE A 323 20.09 10.78 10.44
N CYS A 324 21.36 10.95 10.05
CA CYS A 324 22.44 10.16 10.61
C CYS A 324 23.14 10.97 11.69
N SER A 325 23.66 10.28 12.70
CA SER A 325 24.33 10.93 13.81
C SER A 325 25.39 10.03 14.43
N GLY A 326 26.33 10.65 15.13
CA GLY A 326 27.39 9.88 15.78
C GLY A 326 28.77 10.11 15.20
N GLY A 327 29.53 10.95 15.87
CA GLY A 327 30.89 11.24 15.43
C GLY A 327 31.05 11.89 14.08
N TYR A 328 30.04 12.61 13.62
CA TYR A 328 30.18 13.27 12.33
C TYR A 328 31.01 14.54 12.42
N THR A 329 31.70 14.83 11.32
CA THR A 329 32.53 16.01 11.22
C THR A 329 32.05 16.74 9.97
N ARG A 330 32.70 17.85 9.64
CA ARG A 330 32.32 18.59 8.45
C ARG A 330 32.50 17.66 7.26
N GLU A 331 33.65 17.01 7.22
CA GLU A 331 34.01 16.10 6.15
C GLU A 331 33.02 14.94 6.02
N LEU A 332 32.84 14.19 7.11
CA LEU A 332 31.94 13.05 7.09
C LEU A 332 30.51 13.47 6.75
N GLY A 333 30.09 14.64 7.21
CA GLY A 333 28.75 15.12 6.92
C GLY A 333 28.53 15.33 5.44
N ILE A 334 29.45 16.08 4.81
CA ILE A 334 29.36 16.35 3.38
C ILE A 334 29.30 15.03 2.63
N GLU A 335 30.17 14.10 3.01
CA GLU A 335 30.24 12.79 2.38
C GLU A 335 28.91 12.05 2.50
N ALA A 336 28.31 12.08 3.68
CA ALA A 336 27.04 11.40 3.91
C ALA A 336 25.96 11.92 2.98
N VAL A 337 25.84 13.24 2.90
CA VAL A 337 24.81 13.82 2.03
C VAL A 337 25.14 13.61 0.55
N ALA A 338 26.42 13.73 0.21
CA ALA A 338 26.87 13.58 -1.17
C ALA A 338 26.69 12.18 -1.75
N GLN A 339 26.86 11.16 -0.92
CA GLN A 339 26.71 9.79 -1.39
C GLN A 339 25.28 9.29 -1.27
N GLY A 340 24.41 10.08 -0.64
CA GLY A 340 23.02 9.67 -0.48
C GLY A 340 22.77 8.79 0.73
N ASP A 341 23.75 8.72 1.63
CA ASP A 341 23.63 7.90 2.84
C ASP A 341 22.72 8.54 3.87
N ALA A 342 22.43 9.82 3.71
CA ALA A 342 21.55 10.50 4.66
C ALA A 342 21.00 11.80 4.09
N ASP A 343 19.88 12.25 4.64
CA ASP A 343 19.27 13.50 4.18
C ASP A 343 19.72 14.67 5.03
N LEU A 344 19.85 14.41 6.33
CA LEU A 344 20.27 15.42 7.29
C LEU A 344 21.35 14.84 8.19
N VAL A 345 22.20 15.70 8.72
CA VAL A 345 23.28 15.28 9.60
C VAL A 345 23.20 16.01 10.95
N SER A 346 23.01 15.26 12.04
CA SER A 346 22.94 15.88 13.35
C SER A 346 24.30 15.86 14.05
N TYR A 347 24.66 17.00 14.65
CA TYR A 347 25.93 17.18 15.37
C TYR A 347 25.67 17.44 16.84
N GLY A 348 26.40 16.74 17.71
CA GLY A 348 26.22 16.96 19.14
C GLY A 348 27.34 17.76 19.78
N ARG A 349 28.45 17.12 20.08
CA ARG A 349 29.55 17.78 20.75
C ARG A 349 30.09 19.05 20.11
N LEU A 350 30.21 19.10 18.79
CA LEU A 350 30.72 20.30 18.16
C LEU A 350 29.71 21.45 18.29
N PHE A 351 28.44 21.10 18.44
CA PHE A 351 27.41 22.11 18.58
C PHE A 351 27.40 22.66 20.02
N ILE A 352 28.04 21.92 20.92
CA ILE A 352 28.12 22.36 22.31
C ILE A 352 29.07 23.54 22.41
N SER A 353 30.25 23.38 21.84
CA SER A 353 31.28 24.41 21.86
C SER A 353 31.22 25.42 20.72
N ASN A 354 30.37 25.18 19.72
CA ASN A 354 30.25 26.13 18.61
C ASN A 354 28.82 26.56 18.36
N PRO A 355 28.39 27.68 18.96
CA PRO A 355 27.01 28.13 18.73
C PRO A 355 26.71 28.35 17.25
N ASP A 356 27.70 28.85 16.52
CA ASP A 356 27.56 29.10 15.09
C ASP A 356 28.21 27.98 14.27
N LEU A 357 27.95 26.74 14.67
CA LEU A 357 28.50 25.58 13.98
C LEU A 357 28.10 25.55 12.51
N VAL A 358 26.88 25.96 12.22
CA VAL A 358 26.39 25.96 10.85
C VAL A 358 27.24 26.90 10.01
N MET A 359 27.42 28.12 10.50
CA MET A 359 28.22 29.11 9.80
C MET A 359 29.67 28.63 9.67
N ARG A 360 30.24 28.14 10.77
CA ARG A 360 31.60 27.65 10.76
C ARG A 360 31.82 26.52 9.77
N ILE A 361 30.87 25.59 9.70
CA ILE A 361 31.00 24.49 8.75
C ILE A 361 30.92 25.02 7.32
N LYS A 362 29.98 25.94 7.09
CA LYS A 362 29.82 26.53 5.77
C LYS A 362 31.07 27.25 5.26
N LEU A 363 31.74 27.97 6.16
CA LEU A 363 32.94 28.71 5.79
C LEU A 363 34.18 27.86 6.01
N ASN A 364 33.96 26.66 6.51
CA ASN A 364 35.06 25.74 6.82
C ASN A 364 36.08 26.47 7.70
N ALA A 365 35.56 27.07 8.77
CA ALA A 365 36.38 27.81 9.73
C ALA A 365 36.78 26.91 10.90
N PRO A 366 37.69 27.39 11.76
CA PRO A 366 38.11 26.57 12.90
C PRO A 366 36.91 26.26 13.79
N LEU A 367 37.05 25.24 14.62
CA LEU A 367 36.00 24.84 15.55
C LEU A 367 36.50 24.89 16.99
N ASN A 368 35.69 25.47 17.88
CA ASN A 368 36.08 25.53 19.29
C ASN A 368 36.05 24.13 19.86
N LYS A 369 37.00 23.83 20.74
CA LYS A 369 37.03 22.53 21.38
C LYS A 369 36.00 22.59 22.50
N TYR A 370 35.39 21.45 22.82
CA TYR A 370 34.39 21.40 23.88
C TYR A 370 34.98 20.92 25.20
N ASN A 371 34.54 21.52 26.30
CA ASN A 371 35.00 21.14 27.63
C ASN A 371 33.97 20.21 28.27
N ARG A 372 34.29 18.92 28.37
CA ARG A 372 33.37 17.95 28.94
C ARG A 372 33.02 18.19 30.40
N LYS A 373 33.87 18.88 31.14
CA LYS A 373 33.60 19.14 32.55
C LYS A 373 32.30 19.91 32.79
N THR A 374 31.91 20.75 31.85
CA THR A 374 30.68 21.52 31.98
C THR A 374 29.54 21.02 31.09
N PHE A 375 29.59 19.76 30.70
CA PHE A 375 28.52 19.20 29.89
C PHE A 375 27.23 19.13 30.71
N TYR A 376 27.36 18.70 31.96
CA TYR A 376 26.19 18.53 32.82
C TYR A 376 26.11 19.36 34.09
N THR A 377 26.86 20.46 34.15
CA THR A 377 26.83 21.34 35.30
C THR A 377 25.59 22.22 35.17
N GLN A 378 25.15 22.80 36.29
CA GLN A 378 23.94 23.62 36.31
C GLN A 378 24.05 25.12 36.03
N ASP A 379 25.24 25.65 35.80
CA ASP A 379 25.35 27.09 35.55
C ASP A 379 24.64 27.48 34.26
N PRO A 380 23.87 28.58 34.29
CA PRO A 380 23.14 29.05 33.12
C PRO A 380 24.02 29.61 32.01
N VAL A 381 25.28 29.93 32.33
CA VAL A 381 26.19 30.50 31.35
C VAL A 381 27.48 29.72 31.12
N VAL A 382 28.20 29.44 32.18
CA VAL A 382 29.49 28.75 32.07
C VAL A 382 29.42 27.36 31.42
N GLY A 383 30.09 27.23 30.29
CA GLY A 383 30.13 25.97 29.55
C GLY A 383 28.82 25.67 28.86
N TYR A 384 27.94 26.67 28.79
CA TYR A 384 26.65 26.51 28.17
C TYR A 384 26.43 27.51 27.04
N THR A 385 26.48 28.80 27.39
CA THR A 385 26.28 29.85 26.39
C THR A 385 27.48 30.78 26.25
N ASP A 386 28.57 30.48 26.92
CA ASP A 386 29.72 31.35 26.82
C ASP A 386 30.77 30.93 25.81
N TYR A 387 30.43 29.96 24.96
CA TYR A 387 31.35 29.52 23.91
C TYR A 387 31.22 30.64 22.86
N PRO A 388 32.33 31.22 22.43
CA PRO A 388 32.36 32.32 21.44
C PRO A 388 31.98 32.01 20.00
N PHE A 389 31.42 33.02 19.34
CA PHE A 389 31.05 32.92 17.94
C PHE A 389 32.29 33.26 17.13
N LEU A 390 32.25 33.00 15.84
CA LEU A 390 33.37 33.33 14.96
C LEU A 390 33.57 34.84 14.93
N GLN A 391 34.83 35.29 14.91
CA GLN A 391 35.12 36.71 14.85
C GLN A 391 35.47 37.10 13.41
N ASN B 16 -25.29 -5.51 4.68
CA ASN B 16 -24.22 -5.95 3.75
C ASN B 16 -24.36 -5.22 2.42
N PRO B 17 -23.33 -4.45 2.03
CA PRO B 17 -23.34 -3.68 0.78
C PRO B 17 -23.79 -4.49 -0.43
N LEU B 18 -23.19 -5.66 -0.62
CA LEU B 18 -23.52 -6.53 -1.74
C LEU B 18 -25.02 -6.73 -1.90
N PHE B 19 -25.78 -6.53 -0.83
CA PHE B 19 -27.22 -6.70 -0.92
C PHE B 19 -28.04 -5.43 -0.89
N SER B 20 -27.38 -4.29 -1.10
CA SER B 20 -28.10 -3.03 -1.15
C SER B 20 -28.50 -2.89 -2.61
N PRO B 21 -29.79 -2.61 -2.88
CA PRO B 21 -30.29 -2.46 -4.24
C PRO B 21 -29.41 -1.57 -5.13
N TYR B 22 -29.28 -1.96 -6.39
CA TYR B 22 -28.51 -1.18 -7.34
C TYR B 22 -29.28 -1.11 -8.65
N LYS B 23 -29.35 0.09 -9.22
CA LYS B 23 -30.07 0.25 -10.46
C LYS B 23 -29.10 0.32 -11.65
N MET B 24 -29.11 -0.75 -12.44
CA MET B 24 -28.27 -0.84 -13.63
C MET B 24 -29.22 -0.55 -14.78
N GLY B 25 -29.14 0.65 -15.33
CA GLY B 25 -30.02 1.03 -16.42
C GLY B 25 -31.44 0.97 -15.87
N LYS B 26 -32.34 0.31 -16.57
CA LYS B 26 -33.71 0.21 -16.09
C LYS B 26 -33.95 -1.05 -15.28
N PHE B 27 -32.89 -1.79 -14.99
CA PHE B 27 -33.01 -3.02 -14.21
C PHE B 27 -32.74 -2.78 -12.72
N ASN B 28 -33.69 -3.14 -11.87
CA ASN B 28 -33.49 -2.97 -10.44
C ASN B 28 -32.88 -4.25 -9.90
N LEU B 29 -31.57 -4.24 -9.66
CA LEU B 29 -30.92 -5.42 -9.14
C LEU B 29 -31.11 -5.46 -7.62
N SER B 30 -31.62 -6.59 -7.12
CA SER B 30 -31.87 -6.74 -5.70
C SER B 30 -30.56 -6.86 -4.94
N HIS B 31 -29.55 -7.40 -5.61
CA HIS B 31 -28.23 -7.58 -5.01
C HIS B 31 -27.15 -7.36 -6.08
N ARG B 32 -25.91 -7.15 -5.63
CA ARG B 32 -24.81 -6.89 -6.54
C ARG B 32 -23.95 -8.13 -6.82
N VAL B 33 -24.51 -9.31 -6.60
CA VAL B 33 -23.80 -10.56 -6.85
C VAL B 33 -24.07 -11.00 -8.29
N VAL B 34 -23.05 -10.96 -9.12
CA VAL B 34 -23.21 -11.34 -10.52
C VAL B 34 -22.49 -12.63 -10.91
N LEU B 35 -23.14 -13.40 -11.78
CA LEU B 35 -22.56 -14.63 -12.28
C LEU B 35 -21.66 -14.22 -13.43
N ALA B 36 -20.36 -14.43 -13.27
CA ALA B 36 -19.41 -14.07 -14.33
C ALA B 36 -19.58 -14.98 -15.53
N PRO B 37 -19.33 -14.48 -16.75
CA PRO B 37 -19.47 -15.31 -17.95
C PRO B 37 -18.45 -16.43 -17.85
N MET B 38 -18.90 -17.68 -17.95
CA MET B 38 -17.99 -18.80 -17.85
C MET B 38 -18.19 -19.93 -18.84
N THR B 39 -17.17 -20.16 -19.66
CA THR B 39 -17.16 -21.24 -20.63
C THR B 39 -17.20 -22.56 -19.85
N ARG B 40 -18.16 -23.41 -20.13
CA ARG B 40 -18.27 -24.69 -19.43
C ARG B 40 -18.31 -25.89 -20.38
N CYS B 41 -18.38 -25.61 -21.67
CA CYS B 41 -18.38 -26.65 -22.70
C CYS B 41 -19.46 -27.74 -22.61
N ARG B 42 -20.70 -27.35 -22.33
CA ARG B 42 -21.79 -28.33 -22.26
C ARG B 42 -22.77 -28.14 -23.42
N ALA B 43 -22.50 -27.13 -24.25
CA ALA B 43 -23.35 -26.84 -25.39
C ALA B 43 -22.93 -27.73 -26.54
N LEU B 44 -23.27 -29.02 -26.44
CA LEU B 44 -22.91 -30.00 -27.45
C LEU B 44 -23.04 -29.51 -28.89
N ASN B 45 -21.96 -29.67 -29.64
CA ASN B 45 -21.94 -29.25 -31.03
C ASN B 45 -22.42 -27.82 -31.22
N ASN B 46 -22.03 -26.95 -30.29
CA ASN B 46 -22.38 -25.54 -30.32
C ASN B 46 -23.88 -25.23 -30.18
N ILE B 47 -24.66 -26.19 -29.67
CA ILE B 47 -26.09 -25.98 -29.50
C ILE B 47 -26.48 -25.90 -28.03
N PRO B 48 -27.02 -24.75 -27.58
CA PRO B 48 -27.41 -24.64 -26.18
C PRO B 48 -28.26 -25.86 -25.83
N GLN B 49 -27.93 -26.51 -24.73
CA GLN B 49 -28.65 -27.71 -24.30
C GLN B 49 -29.52 -27.45 -23.08
N ALA B 50 -30.39 -28.40 -22.77
CA ALA B 50 -31.28 -28.29 -21.62
C ALA B 50 -30.44 -28.11 -20.35
N ALA B 51 -29.25 -28.70 -20.33
CA ALA B 51 -28.37 -28.60 -19.17
C ALA B 51 -28.05 -27.15 -18.84
N LEU B 52 -27.78 -26.35 -19.87
CA LEU B 52 -27.48 -24.94 -19.64
C LEU B 52 -28.67 -24.30 -18.94
N GLY B 53 -29.87 -24.67 -19.36
CA GLY B 53 -31.07 -24.14 -18.75
C GLY B 53 -31.13 -24.43 -17.27
N GLU B 54 -30.80 -25.67 -16.90
CA GLU B 54 -30.81 -26.08 -15.51
C GLU B 54 -29.69 -25.33 -14.77
N TYR B 55 -28.52 -25.32 -15.39
CA TYR B 55 -27.36 -24.65 -14.82
C TYR B 55 -27.67 -23.20 -14.45
N TYR B 56 -28.05 -22.40 -15.45
CA TYR B 56 -28.36 -21.00 -15.21
C TYR B 56 -29.56 -20.80 -14.29
N GLU B 57 -30.53 -21.71 -14.35
CA GLU B 57 -31.71 -21.63 -13.51
C GLU B 57 -31.36 -21.79 -12.03
N GLN B 58 -30.52 -22.78 -11.73
CA GLN B 58 -30.10 -23.05 -10.36
C GLN B 58 -29.53 -21.80 -9.72
N ARG B 59 -28.75 -21.07 -10.49
CA ARG B 59 -28.09 -19.86 -10.03
C ARG B 59 -28.90 -18.58 -10.19
N ALA B 60 -30.00 -18.67 -10.92
CA ALA B 60 -30.86 -17.52 -11.12
C ALA B 60 -31.55 -17.14 -9.81
N THR B 61 -31.56 -15.85 -9.52
CA THR B 61 -32.19 -15.34 -8.31
C THR B 61 -33.03 -14.12 -8.66
N ALA B 62 -34.08 -13.89 -7.88
CA ALA B 62 -34.95 -12.75 -8.12
C ALA B 62 -34.15 -11.47 -7.98
N GLY B 63 -34.12 -10.67 -9.03
CA GLY B 63 -33.38 -9.43 -8.98
C GLY B 63 -31.87 -9.58 -9.16
N GLY B 64 -31.42 -10.79 -9.46
CA GLY B 64 -30.00 -11.02 -9.65
C GLY B 64 -29.62 -10.93 -11.13
N PHE B 65 -28.38 -10.56 -11.41
CA PHE B 65 -27.90 -10.42 -12.78
C PHE B 65 -26.94 -11.54 -13.20
N LEU B 66 -27.26 -12.20 -14.31
CA LEU B 66 -26.44 -13.30 -14.83
C LEU B 66 -25.82 -12.93 -16.17
N ILE B 67 -24.66 -13.51 -16.46
CA ILE B 67 -24.00 -13.29 -17.74
C ILE B 67 -23.59 -14.67 -18.23
N THR B 68 -24.09 -15.07 -19.39
CA THR B 68 -23.79 -16.38 -19.95
C THR B 68 -22.33 -16.58 -20.34
N GLU B 69 -22.02 -17.84 -20.65
CA GLU B 69 -20.71 -18.24 -21.11
C GLU B 69 -20.48 -17.53 -22.42
N GLY B 70 -19.23 -17.49 -22.87
CA GLY B 70 -18.94 -16.83 -24.12
C GLY B 70 -19.72 -17.56 -25.20
N THR B 71 -20.28 -16.80 -26.15
CA THR B 71 -21.07 -17.42 -27.21
C THR B 71 -20.55 -17.02 -28.58
N MET B 72 -20.45 -18.01 -29.48
CA MET B 72 -19.94 -17.81 -30.84
C MET B 72 -20.79 -16.85 -31.65
N ILE B 73 -20.14 -15.97 -32.40
CA ILE B 73 -20.87 -15.01 -33.24
C ILE B 73 -20.79 -15.45 -34.69
N SER B 74 -20.03 -16.52 -34.94
CA SER B 74 -19.85 -17.06 -36.28
C SER B 74 -19.21 -18.44 -36.23
N PRO B 75 -19.22 -19.17 -37.36
CA PRO B 75 -18.63 -20.52 -37.44
C PRO B 75 -17.12 -20.56 -37.27
N THR B 76 -16.48 -19.39 -37.23
CA THR B 76 -15.03 -19.36 -37.09
C THR B 76 -14.56 -18.66 -35.82
N SER B 77 -15.48 -18.46 -34.88
CA SER B 77 -15.16 -17.76 -33.63
C SER B 77 -14.95 -18.64 -32.40
N ALA B 78 -14.81 -19.94 -32.59
CA ALA B 78 -14.64 -20.84 -31.45
C ALA B 78 -13.21 -21.33 -31.24
N GLY B 79 -12.84 -21.45 -29.96
CA GLY B 79 -11.51 -21.92 -29.59
C GLY B 79 -11.61 -22.95 -28.49
N PHE B 80 -12.83 -23.40 -28.23
CA PHE B 80 -13.10 -24.42 -27.22
C PHE B 80 -14.13 -25.37 -27.81
N PRO B 81 -14.27 -26.57 -27.23
CA PRO B 81 -15.23 -27.53 -27.74
C PRO B 81 -16.59 -27.39 -27.09
N HIS B 82 -17.63 -27.59 -27.88
CA HIS B 82 -18.99 -27.53 -27.38
C HIS B 82 -19.39 -26.26 -26.64
N VAL B 83 -19.00 -25.11 -27.21
CA VAL B 83 -19.37 -23.82 -26.65
C VAL B 83 -20.57 -23.36 -27.48
N PRO B 84 -21.56 -22.75 -26.83
CA PRO B 84 -22.75 -22.29 -27.54
C PRO B 84 -22.53 -21.19 -28.57
N GLY B 85 -23.35 -21.21 -29.61
CA GLY B 85 -23.28 -20.19 -30.64
C GLY B 85 -24.61 -19.48 -30.65
N ILE B 86 -24.69 -18.35 -31.35
CA ILE B 86 -25.95 -17.64 -31.45
C ILE B 86 -26.03 -16.96 -32.81
N PHE B 87 -25.43 -17.62 -33.79
CA PHE B 87 -25.45 -17.12 -35.16
C PHE B 87 -26.44 -17.88 -36.07
N THR B 88 -27.08 -18.90 -35.52
CA THR B 88 -28.07 -19.68 -36.28
C THR B 88 -29.42 -19.58 -35.57
N LYS B 89 -30.50 -19.76 -36.33
CA LYS B 89 -31.82 -19.70 -35.75
C LYS B 89 -32.05 -20.87 -34.80
N GLU B 90 -31.46 -22.01 -35.11
CA GLU B 90 -31.59 -23.17 -34.25
C GLU B 90 -31.06 -22.80 -32.87
N GLN B 91 -29.91 -22.15 -32.85
CA GLN B 91 -29.30 -21.73 -31.60
C GLN B 91 -30.23 -20.77 -30.86
N VAL B 92 -30.78 -19.80 -31.59
CA VAL B 92 -31.69 -18.83 -31.01
C VAL B 92 -32.86 -19.54 -30.32
N ARG B 93 -33.46 -20.51 -31.02
CA ARG B 93 -34.58 -21.26 -30.47
C ARG B 93 -34.27 -21.92 -29.15
N GLU B 94 -33.11 -22.56 -29.05
CA GLU B 94 -32.73 -23.24 -27.81
C GLU B 94 -32.41 -22.25 -26.72
N TRP B 95 -31.72 -21.17 -27.09
CA TRP B 95 -31.37 -20.13 -26.14
C TRP B 95 -32.63 -19.53 -25.52
N LYS B 96 -33.70 -19.48 -26.32
CA LYS B 96 -34.98 -18.93 -25.88
C LYS B 96 -35.53 -19.71 -24.69
N LYS B 97 -35.37 -21.02 -24.71
CA LYS B 97 -35.85 -21.88 -23.63
C LYS B 97 -35.08 -21.59 -22.36
N ILE B 98 -33.79 -21.29 -22.50
CA ILE B 98 -32.93 -21.01 -21.35
C ILE B 98 -33.24 -19.63 -20.76
N VAL B 99 -33.48 -18.65 -21.63
CA VAL B 99 -33.80 -17.30 -21.18
C VAL B 99 -35.13 -17.30 -20.43
N ASP B 100 -36.11 -18.06 -20.94
CA ASP B 100 -37.43 -18.13 -20.30
C ASP B 100 -37.33 -18.68 -18.89
N VAL B 101 -36.62 -19.80 -18.74
CA VAL B 101 -36.46 -20.44 -17.44
C VAL B 101 -35.75 -19.52 -16.46
N VAL B 102 -34.85 -18.68 -16.98
CA VAL B 102 -34.11 -17.75 -16.13
C VAL B 102 -34.98 -16.53 -15.80
N HIS B 103 -35.76 -16.08 -16.78
CA HIS B 103 -36.63 -14.95 -16.56
C HIS B 103 -37.74 -15.36 -15.60
N ALA B 104 -37.99 -16.66 -15.48
CA ALA B 104 -39.03 -17.17 -14.59
C ALA B 104 -38.59 -17.13 -13.14
N LYS B 105 -37.34 -16.76 -12.91
CA LYS B 105 -36.81 -16.66 -11.54
C LYS B 105 -36.64 -15.21 -11.16
N GLY B 106 -37.01 -14.32 -12.07
CA GLY B 106 -36.90 -12.89 -11.81
C GLY B 106 -35.49 -12.35 -12.02
N ALA B 107 -34.67 -13.11 -12.74
CA ALA B 107 -33.29 -12.72 -13.00
C ALA B 107 -33.10 -11.96 -14.32
N VAL B 108 -32.03 -11.18 -14.40
CA VAL B 108 -31.69 -10.43 -15.61
C VAL B 108 -30.51 -11.17 -16.21
N ILE B 109 -30.53 -11.40 -17.52
CA ILE B 109 -29.42 -12.15 -18.13
C ILE B 109 -28.92 -11.63 -19.47
N PHE B 110 -27.61 -11.49 -19.60
CA PHE B 110 -26.99 -11.03 -20.84
C PHE B 110 -26.21 -12.16 -21.48
N CYS B 111 -26.14 -12.15 -22.80
CA CYS B 111 -25.39 -13.17 -23.52
C CYS B 111 -24.06 -12.56 -23.96
N GLN B 112 -22.96 -13.17 -23.52
CA GLN B 112 -21.65 -12.64 -23.90
C GLN B 112 -21.27 -13.11 -25.29
N LEU B 113 -21.02 -12.15 -26.20
CA LEU B 113 -20.63 -12.46 -27.58
C LEU B 113 -19.12 -12.60 -27.61
N TRP B 114 -18.67 -13.79 -27.98
CA TRP B 114 -17.25 -14.13 -27.97
C TRP B 114 -16.60 -14.67 -29.25
N HIS B 115 -15.53 -14.02 -29.68
CA HIS B 115 -14.75 -14.46 -30.85
C HIS B 115 -13.31 -14.58 -30.32
N VAL B 116 -12.77 -15.80 -30.38
CA VAL B 116 -11.42 -16.08 -29.88
C VAL B 116 -10.23 -15.60 -30.69
N GLY B 117 -10.47 -15.13 -31.91
CA GLY B 117 -9.35 -14.68 -32.72
C GLY B 117 -8.33 -15.78 -32.92
N ARG B 118 -7.05 -15.48 -32.72
CA ARG B 118 -5.99 -16.46 -32.90
C ARG B 118 -5.97 -17.55 -31.82
N ALA B 119 -6.78 -17.41 -30.78
CA ALA B 119 -6.82 -18.39 -29.71
C ALA B 119 -7.71 -19.57 -30.11
N SER B 120 -7.42 -20.14 -31.27
CA SER B 120 -8.19 -21.28 -31.77
C SER B 120 -7.24 -22.33 -32.37
N HIS B 121 -7.80 -23.26 -33.12
CA HIS B 121 -7.00 -24.32 -33.74
C HIS B 121 -7.77 -24.83 -34.96
N GLU B 122 -7.06 -25.39 -35.93
CA GLU B 122 -7.70 -25.89 -37.14
C GLU B 122 -8.83 -26.88 -36.85
N VAL B 123 -8.77 -27.57 -35.72
CA VAL B 123 -9.79 -28.53 -35.36
C VAL B 123 -11.10 -27.85 -35.01
N TYR B 124 -11.04 -26.55 -34.70
CA TYR B 124 -12.24 -25.77 -34.35
C TYR B 124 -12.64 -24.85 -35.48
N GLN B 125 -11.87 -24.86 -36.56
CA GLN B 125 -12.14 -23.98 -37.70
C GLN B 125 -12.75 -24.68 -38.89
N PRO B 126 -13.68 -24.00 -39.59
CA PRO B 126 -14.31 -24.60 -40.77
C PRO B 126 -13.23 -24.94 -41.78
N ALA B 127 -13.34 -26.12 -42.40
CA ALA B 127 -12.37 -26.57 -43.39
C ALA B 127 -10.95 -26.60 -42.81
N GLY B 128 -10.84 -26.68 -41.50
CA GLY B 128 -9.54 -26.71 -40.87
C GLY B 128 -8.65 -25.53 -41.26
N ALA B 129 -9.27 -24.40 -41.59
CA ALA B 129 -8.52 -23.20 -41.98
C ALA B 129 -7.91 -22.53 -40.76
N ALA B 130 -7.00 -21.58 -40.99
CA ALA B 130 -6.34 -20.87 -39.91
C ALA B 130 -7.23 -19.85 -39.21
N PRO B 131 -7.07 -19.69 -37.89
CA PRO B 131 -7.89 -18.73 -37.15
C PRO B 131 -7.53 -17.34 -37.65
N ILE B 132 -8.40 -16.37 -37.43
CA ILE B 132 -8.14 -15.01 -37.88
C ILE B 132 -7.68 -14.16 -36.70
N SER B 133 -7.03 -13.05 -37.01
CA SER B 133 -6.55 -12.16 -35.97
C SER B 133 -6.09 -10.85 -36.58
N SER B 134 -5.57 -9.97 -35.74
CA SER B 134 -5.07 -8.69 -36.20
C SER B 134 -3.65 -8.91 -36.71
N THR B 135 -3.05 -10.03 -36.31
CA THR B 135 -1.67 -10.34 -36.70
C THR B 135 -1.49 -11.77 -37.20
N GLU B 136 -0.32 -12.04 -37.76
CA GLU B 136 0.02 -13.37 -38.24
C GLU B 136 0.81 -14.04 -37.14
N LYS B 137 1.13 -13.25 -36.12
CA LYS B 137 1.89 -13.73 -34.98
C LYS B 137 1.00 -14.65 -34.16
N PRO B 138 1.47 -15.89 -33.89
CA PRO B 138 0.71 -16.86 -33.11
C PRO B 138 0.94 -16.73 -31.61
N ILE B 139 0.14 -17.43 -30.83
CA ILE B 139 0.30 -17.41 -29.38
C ILE B 139 1.57 -18.23 -29.16
N SER B 140 2.40 -17.84 -28.20
CA SER B 140 3.65 -18.56 -27.94
C SER B 140 3.40 -19.94 -27.34
N ASN B 141 4.45 -20.78 -27.32
CA ASN B 141 4.34 -22.12 -26.77
C ASN B 141 4.20 -22.09 -25.25
N ARG B 142 4.02 -20.91 -24.69
CA ARG B 142 3.86 -20.76 -23.26
C ARG B 142 2.42 -21.12 -22.91
N TRP B 143 1.58 -21.23 -23.94
CA TRP B 143 0.18 -21.56 -23.75
C TRP B 143 -0.25 -22.69 -24.67
N ARG B 144 -1.22 -23.47 -24.21
CA ARG B 144 -1.74 -24.60 -24.97
C ARG B 144 -3.26 -24.51 -25.01
N ILE B 145 -3.84 -24.83 -26.16
CA ILE B 145 -5.30 -24.79 -26.34
C ILE B 145 -5.89 -26.15 -26.01
N LEU B 146 -7.05 -26.15 -25.35
CA LEU B 146 -7.71 -27.40 -25.01
C LEU B 146 -8.36 -28.02 -26.24
N MET B 147 -7.94 -29.23 -26.59
CA MET B 147 -8.48 -29.94 -27.75
C MET B 147 -9.79 -30.64 -27.36
N PRO B 148 -10.55 -31.11 -28.36
CA PRO B 148 -11.82 -31.81 -28.11
C PRO B 148 -11.69 -33.07 -27.25
N ASP B 149 -10.61 -33.84 -27.49
CA ASP B 149 -10.38 -35.07 -26.75
C ASP B 149 -9.66 -34.84 -25.40
N GLY B 150 -9.73 -33.61 -24.91
CA GLY B 150 -9.09 -33.30 -23.63
C GLY B 150 -7.58 -33.15 -23.65
N THR B 151 -6.93 -33.51 -24.75
CA THR B 151 -5.47 -33.36 -24.82
C THR B 151 -5.15 -31.87 -24.94
N HIS B 152 -3.88 -31.55 -25.15
CA HIS B 152 -3.48 -30.16 -25.29
C HIS B 152 -2.78 -29.95 -26.64
N GLY B 153 -3.28 -29.01 -27.42
CA GLY B 153 -2.70 -28.75 -28.72
C GLY B 153 -1.87 -27.48 -28.75
N ILE B 154 -1.33 -27.15 -29.92
CA ILE B 154 -0.51 -25.96 -30.08
C ILE B 154 -1.27 -24.91 -30.90
N TYR B 155 -1.24 -23.67 -30.42
CA TYR B 155 -1.91 -22.59 -31.14
C TYR B 155 -1.17 -22.36 -32.45
N PRO B 156 -1.84 -22.56 -33.59
CA PRO B 156 -1.24 -22.37 -34.91
C PRO B 156 -1.07 -20.91 -35.31
N LYS B 157 -0.42 -20.69 -36.45
CA LYS B 157 -0.23 -19.34 -36.95
C LYS B 157 -1.56 -18.78 -37.38
N PRO B 158 -1.88 -17.54 -36.99
CA PRO B 158 -3.16 -16.94 -37.37
C PRO B 158 -3.06 -16.20 -38.70
N ARG B 159 -4.21 -15.94 -39.31
CA ARG B 159 -4.28 -15.20 -40.55
C ARG B 159 -4.70 -13.77 -40.21
N ALA B 160 -3.86 -12.80 -40.56
CA ALA B 160 -4.17 -11.41 -40.29
C ALA B 160 -5.23 -10.96 -41.28
N ILE B 161 -6.30 -10.35 -40.78
CA ILE B 161 -7.39 -9.90 -41.63
C ILE B 161 -7.31 -8.44 -42.07
N GLY B 162 -7.93 -8.14 -43.20
CA GLY B 162 -7.96 -6.80 -43.73
C GLY B 162 -9.23 -6.09 -43.33
N THR B 163 -9.46 -4.90 -43.89
CA THR B 163 -10.63 -4.09 -43.57
C THR B 163 -11.96 -4.69 -44.00
N TYR B 164 -12.01 -5.23 -45.22
CA TYR B 164 -13.24 -5.83 -45.72
C TYR B 164 -13.67 -6.95 -44.78
N GLU B 165 -12.71 -7.76 -44.34
CA GLU B 165 -13.03 -8.87 -43.46
C GLU B 165 -13.40 -8.33 -42.08
N ILE B 166 -12.68 -7.31 -41.63
CA ILE B 166 -12.97 -6.70 -40.33
C ILE B 166 -14.43 -6.31 -40.27
N SER B 167 -14.87 -5.52 -41.25
CA SER B 167 -16.26 -5.06 -41.28
C SER B 167 -17.26 -6.22 -41.33
N GLN B 168 -16.81 -7.38 -41.83
CA GLN B 168 -17.70 -8.54 -41.90
C GLN B 168 -17.80 -9.12 -40.49
N VAL B 169 -16.70 -9.05 -39.74
CA VAL B 169 -16.68 -9.55 -38.38
C VAL B 169 -17.61 -8.67 -37.54
N VAL B 170 -17.49 -7.36 -37.72
CA VAL B 170 -18.35 -6.41 -37.02
C VAL B 170 -19.80 -6.80 -37.27
N GLU B 171 -20.11 -7.10 -38.53
CA GLU B 171 -21.45 -7.51 -38.93
C GLU B 171 -21.86 -8.77 -38.17
N ASP B 172 -20.92 -9.71 -38.00
CA ASP B 172 -21.23 -10.93 -37.26
C ASP B 172 -21.64 -10.61 -35.82
N TYR B 173 -21.02 -9.60 -35.22
CA TYR B 173 -21.37 -9.19 -33.86
C TYR B 173 -22.75 -8.55 -33.87
N ARG B 174 -23.00 -7.73 -34.88
CA ARG B 174 -24.28 -7.05 -34.99
C ARG B 174 -25.40 -8.08 -35.08
N ARG B 175 -25.24 -9.04 -35.98
CA ARG B 175 -26.25 -10.07 -36.17
C ARG B 175 -26.44 -10.94 -34.92
N SER B 176 -25.34 -11.25 -34.23
CA SER B 176 -25.44 -12.05 -33.03
C SER B 176 -26.17 -11.25 -31.95
N ALA B 177 -25.91 -9.94 -31.92
CA ALA B 177 -26.55 -9.06 -30.96
C ALA B 177 -28.05 -9.14 -31.20
N LEU B 178 -28.43 -8.98 -32.46
CA LEU B 178 -29.84 -9.03 -32.86
C LEU B 178 -30.44 -10.38 -32.49
N ASN B 179 -29.69 -11.46 -32.75
CA ASN B 179 -30.16 -12.81 -32.44
C ASN B 179 -30.36 -12.97 -30.94
N ALA B 180 -29.50 -12.34 -30.15
CA ALA B 180 -29.59 -12.43 -28.70
C ALA B 180 -30.90 -11.80 -28.22
N ILE B 181 -31.22 -10.63 -28.75
CA ILE B 181 -32.45 -9.94 -28.39
C ILE B 181 -33.63 -10.79 -28.84
N GLU B 182 -33.54 -11.30 -30.06
CA GLU B 182 -34.60 -12.16 -30.59
C GLU B 182 -34.85 -13.35 -29.68
N ALA B 183 -33.79 -13.85 -29.05
CA ALA B 183 -33.90 -15.00 -28.16
C ALA B 183 -34.48 -14.61 -26.81
N GLY B 184 -34.61 -13.31 -26.56
CA GLY B 184 -35.17 -12.87 -25.29
C GLY B 184 -34.17 -12.30 -24.28
N PHE B 185 -32.88 -12.36 -24.60
CA PHE B 185 -31.87 -11.83 -23.68
C PHE B 185 -32.10 -10.35 -23.39
N ASP B 186 -31.83 -9.93 -22.16
CA ASP B 186 -32.00 -8.54 -21.77
C ASP B 186 -30.91 -7.66 -22.35
N GLY B 187 -29.84 -8.29 -22.82
CA GLY B 187 -28.74 -7.55 -23.39
C GLY B 187 -27.60 -8.48 -23.72
N ILE B 188 -26.51 -7.92 -24.24
CA ILE B 188 -25.35 -8.72 -24.57
C ILE B 188 -24.11 -8.06 -23.99
N GLU B 189 -23.06 -8.85 -23.84
CA GLU B 189 -21.79 -8.34 -23.34
C GLU B 189 -20.72 -8.62 -24.40
N ILE B 190 -20.05 -7.56 -24.86
CA ILE B 190 -19.00 -7.71 -25.84
C ILE B 190 -17.74 -8.18 -25.13
N HIS B 191 -17.24 -9.35 -25.51
CA HIS B 191 -16.03 -9.87 -24.88
C HIS B 191 -14.81 -9.24 -25.55
N GLY B 192 -14.27 -8.20 -24.96
CA GLY B 192 -13.10 -7.57 -25.53
C GLY B 192 -11.91 -7.73 -24.61
N ALA B 193 -11.86 -8.85 -23.89
CA ALA B 193 -10.80 -9.13 -22.94
C ALA B 193 -10.03 -10.44 -23.14
N HIS B 194 -9.15 -10.71 -22.16
CA HIS B 194 -8.35 -11.93 -22.08
C HIS B 194 -7.60 -12.40 -23.32
N GLY B 195 -7.07 -11.47 -24.10
CA GLY B 195 -6.33 -11.83 -25.29
C GLY B 195 -7.07 -12.48 -26.45
N TYR B 196 -8.39 -12.35 -26.50
CA TYR B 196 -9.11 -12.93 -27.63
C TYR B 196 -9.14 -11.93 -28.78
N LEU B 197 -9.91 -12.20 -29.83
CA LEU B 197 -9.94 -11.33 -31.00
C LEU B 197 -9.83 -9.82 -30.73
N ILE B 198 -10.84 -9.26 -30.07
CA ILE B 198 -10.81 -7.84 -29.78
C ILE B 198 -9.55 -7.43 -29.01
N ASP B 199 -9.18 -8.21 -28.01
CA ASP B 199 -7.99 -7.87 -27.22
C ASP B 199 -6.76 -7.94 -28.11
N GLN B 200 -6.82 -8.79 -29.12
CA GLN B 200 -5.72 -8.95 -30.07
C GLN B 200 -5.48 -7.67 -30.85
N PHE B 201 -6.46 -6.77 -30.87
CA PHE B 201 -6.31 -5.48 -31.57
C PHE B 201 -5.89 -4.41 -30.56
N LEU B 202 -6.38 -4.53 -29.33
CA LEU B 202 -6.07 -3.59 -28.27
C LEU B 202 -4.63 -3.63 -27.72
N LYS B 203 -4.16 -4.82 -27.37
CA LYS B 203 -2.82 -5.01 -26.81
C LYS B 203 -1.66 -4.81 -27.79
N ASP B 204 -0.75 -3.89 -27.47
CA ASP B 204 0.39 -3.64 -28.36
C ASP B 204 1.40 -4.77 -28.35
N GLY B 205 1.16 -5.75 -27.48
CA GLY B 205 2.05 -6.90 -27.42
C GLY B 205 1.60 -7.87 -28.49
N ILE B 206 0.47 -7.56 -29.13
CA ILE B 206 -0.08 -8.40 -30.19
C ILE B 206 -0.29 -7.65 -31.50
N ASN B 207 -0.90 -6.48 -31.40
CA ASN B 207 -1.19 -5.68 -32.59
C ASN B 207 0.06 -5.04 -33.20
N ASP B 208 0.55 -5.64 -34.28
CA ASP B 208 1.71 -5.13 -34.98
C ASP B 208 1.29 -4.62 -36.36
N ARG B 209 0.01 -4.30 -36.49
CA ARG B 209 -0.51 -3.79 -37.75
C ARG B 209 0.08 -2.41 -38.05
N THR B 210 0.16 -2.10 -39.35
CA THR B 210 0.71 -0.83 -39.79
C THR B 210 -0.37 0.03 -40.42
N ASP B 211 -1.60 -0.50 -40.46
CA ASP B 211 -2.71 0.24 -41.04
C ASP B 211 -3.48 1.05 -40.01
N GLU B 212 -4.70 1.42 -40.37
CA GLU B 212 -5.58 2.22 -39.53
C GLU B 212 -5.97 1.53 -38.22
N TYR B 213 -5.84 0.21 -38.17
CA TYR B 213 -6.20 -0.54 -36.96
C TYR B 213 -5.00 -0.86 -36.08
N GLY B 214 -3.85 -0.29 -36.40
CA GLY B 214 -2.66 -0.53 -35.62
C GLY B 214 -1.84 0.74 -35.41
N GLY B 215 -0.88 0.66 -34.48
CA GLY B 215 -0.04 1.80 -34.20
C GLY B 215 -0.39 2.46 -32.88
N SER B 216 -1.01 3.63 -32.95
CA SER B 216 -1.39 4.39 -31.77
C SER B 216 -2.53 3.75 -30.98
N LEU B 217 -2.75 4.25 -29.78
CA LEU B 217 -3.83 3.76 -28.92
C LEU B 217 -5.15 3.95 -29.66
N ALA B 218 -5.29 5.10 -30.30
CA ALA B 218 -6.50 5.42 -31.05
C ALA B 218 -6.76 4.36 -32.09
N ASN B 219 -5.73 4.02 -32.85
CA ASN B 219 -5.87 3.02 -33.90
C ASN B 219 -6.17 1.63 -33.36
N ARG B 220 -5.47 1.24 -32.30
CA ARG B 220 -5.68 -0.07 -31.72
C ARG B 220 -7.09 -0.18 -31.12
N CYS B 221 -7.67 0.95 -30.77
CA CYS B 221 -9.01 0.97 -30.18
C CYS B 221 -10.10 1.08 -31.26
N LYS B 222 -9.70 1.15 -32.51
CA LYS B 222 -10.65 1.29 -33.61
C LYS B 222 -11.62 0.12 -33.74
N PHE B 223 -11.10 -1.10 -33.61
CA PHE B 223 -11.92 -2.30 -33.74
C PHE B 223 -13.00 -2.45 -32.67
N ILE B 224 -12.63 -2.34 -31.40
CA ILE B 224 -13.63 -2.48 -30.35
C ILE B 224 -14.65 -1.35 -30.47
N THR B 225 -14.20 -0.20 -30.95
CA THR B 225 -15.08 0.94 -31.13
C THR B 225 -16.10 0.63 -32.21
N GLN B 226 -15.64 0.05 -33.32
CA GLN B 226 -16.54 -0.30 -34.41
C GLN B 226 -17.51 -1.42 -34.04
N VAL B 227 -17.07 -2.32 -33.17
CA VAL B 227 -17.91 -3.44 -32.74
C VAL B 227 -19.02 -2.96 -31.82
N VAL B 228 -18.66 -2.13 -30.84
CA VAL B 228 -19.64 -1.61 -29.91
C VAL B 228 -20.65 -0.73 -30.64
N GLN B 229 -20.15 0.14 -31.51
CA GLN B 229 -21.00 1.04 -32.27
C GLN B 229 -22.05 0.27 -33.05
N ALA B 230 -21.63 -0.82 -33.69
CA ALA B 230 -22.53 -1.66 -34.49
C ALA B 230 -23.66 -2.27 -33.64
N VAL B 231 -23.31 -2.89 -32.52
CA VAL B 231 -24.34 -3.48 -31.68
C VAL B 231 -25.20 -2.41 -31.05
N VAL B 232 -24.59 -1.27 -30.71
CA VAL B 232 -25.33 -0.17 -30.11
C VAL B 232 -26.40 0.31 -31.10
N SER B 233 -26.00 0.48 -32.37
CA SER B 233 -26.90 0.92 -33.43
C SER B 233 -27.91 -0.16 -33.80
N ALA B 234 -27.71 -1.36 -33.30
CA ALA B 234 -28.62 -2.45 -33.61
C ALA B 234 -29.63 -2.75 -32.52
N ILE B 235 -29.21 -2.69 -31.25
CA ILE B 235 -30.13 -3.00 -30.17
C ILE B 235 -30.18 -1.96 -29.06
N GLY B 236 -29.46 -0.86 -29.22
CA GLY B 236 -29.46 0.17 -28.19
C GLY B 236 -28.37 0.02 -27.14
N ALA B 237 -27.75 1.15 -26.79
CA ALA B 237 -26.67 1.16 -25.81
C ALA B 237 -27.03 0.60 -24.44
N ASP B 238 -28.28 0.78 -24.03
CA ASP B 238 -28.73 0.27 -22.73
C ASP B 238 -28.68 -1.25 -22.65
N ARG B 239 -28.63 -1.91 -23.81
CA ARG B 239 -28.60 -3.38 -23.82
C ARG B 239 -27.21 -3.94 -24.18
N VAL B 240 -26.19 -3.11 -24.07
CA VAL B 240 -24.84 -3.53 -24.40
C VAL B 240 -23.87 -3.31 -23.25
N GLY B 241 -23.16 -4.38 -22.89
CA GLY B 241 -22.18 -4.30 -21.83
C GLY B 241 -20.84 -4.57 -22.50
N VAL B 242 -19.76 -4.05 -21.94
CA VAL B 242 -18.44 -4.26 -22.52
C VAL B 242 -17.45 -4.76 -21.49
N ARG B 243 -16.69 -5.78 -21.86
CA ARG B 243 -15.70 -6.33 -20.94
C ARG B 243 -14.29 -6.29 -21.51
N VAL B 244 -13.37 -5.73 -20.71
CA VAL B 244 -11.97 -5.62 -21.10
C VAL B 244 -11.07 -6.04 -19.95
N SER B 245 -9.77 -6.12 -20.24
CA SER B 245 -8.76 -6.53 -19.26
C SER B 245 -7.41 -6.00 -19.74
N PRO B 246 -7.21 -4.67 -19.63
CA PRO B 246 -5.95 -4.06 -20.07
C PRO B 246 -4.70 -4.50 -19.30
N ALA B 247 -4.88 -5.09 -18.12
CA ALA B 247 -3.74 -5.49 -17.29
C ALA B 247 -3.49 -7.00 -17.21
N ILE B 248 -4.34 -7.79 -17.83
CA ILE B 248 -4.15 -9.24 -17.83
C ILE B 248 -3.42 -9.60 -19.10
N ASP B 249 -2.37 -10.42 -18.99
CA ASP B 249 -1.59 -10.80 -20.17
C ASP B 249 -1.84 -12.24 -20.66
N HIS B 250 -3.02 -12.76 -20.35
CA HIS B 250 -3.41 -14.11 -20.77
C HIS B 250 -3.13 -14.28 -22.26
N LEU B 251 -2.69 -15.47 -22.67
CA LEU B 251 -2.40 -15.74 -24.07
C LEU B 251 -1.54 -14.66 -24.72
N ASP B 252 -0.48 -14.25 -24.03
CA ASP B 252 0.44 -13.24 -24.53
C ASP B 252 -0.26 -11.93 -24.91
N ALA B 253 -1.34 -11.61 -24.18
CA ALA B 253 -2.08 -10.39 -24.46
C ALA B 253 -1.59 -9.32 -23.49
N MET B 254 -0.35 -8.90 -23.70
CA MET B 254 0.29 -7.92 -22.85
C MET B 254 0.39 -6.58 -23.57
N ASP B 255 0.43 -5.49 -22.82
CA ASP B 255 0.53 -4.16 -23.40
C ASP B 255 1.54 -3.36 -22.60
N SER B 256 2.38 -2.60 -23.29
CA SER B 256 3.43 -1.80 -22.66
C SER B 256 2.91 -0.82 -21.60
N ASN B 257 1.69 -0.32 -21.79
CA ASN B 257 1.13 0.63 -20.82
C ASN B 257 -0.35 0.34 -20.54
N PRO B 258 -0.63 -0.72 -19.77
CA PRO B 258 -1.99 -1.12 -19.41
C PRO B 258 -2.91 0.00 -18.96
N LEU B 259 -2.40 0.90 -18.11
CA LEU B 259 -3.19 2.02 -17.61
C LEU B 259 -3.61 2.92 -18.77
N SER B 260 -2.65 3.22 -19.63
CA SER B 260 -2.89 4.06 -20.79
C SER B 260 -3.93 3.42 -21.71
N LEU B 261 -3.75 2.13 -21.97
CA LEU B 261 -4.67 1.41 -22.84
C LEU B 261 -6.08 1.45 -22.25
N GLY B 262 -6.18 1.12 -20.97
CA GLY B 262 -7.47 1.13 -20.30
C GLY B 262 -8.17 2.48 -20.38
N LEU B 263 -7.44 3.55 -20.05
CA LEU B 263 -8.04 4.88 -20.11
C LEU B 263 -8.50 5.17 -21.53
N ALA B 264 -7.69 4.79 -22.51
CA ALA B 264 -8.03 5.01 -23.91
C ALA B 264 -9.32 4.27 -24.28
N VAL B 265 -9.51 3.09 -23.70
CA VAL B 265 -10.72 2.31 -23.96
C VAL B 265 -11.88 3.01 -23.27
N VAL B 266 -11.71 3.34 -22.00
CA VAL B 266 -12.75 4.01 -21.24
C VAL B 266 -13.20 5.27 -21.97
N GLU B 267 -12.24 6.07 -22.43
CA GLU B 267 -12.57 7.30 -23.15
C GLU B 267 -13.38 7.01 -24.42
N ARG B 268 -13.05 5.94 -25.13
CA ARG B 268 -13.78 5.60 -26.35
C ARG B 268 -15.23 5.29 -26.06
N LEU B 269 -15.47 4.62 -24.93
CA LEU B 269 -16.82 4.25 -24.54
C LEU B 269 -17.62 5.46 -24.06
N ASN B 270 -17.01 6.31 -23.24
CA ASN B 270 -17.71 7.51 -22.76
C ASN B 270 -18.16 8.34 -23.96
N LYS B 271 -17.27 8.45 -24.95
CA LYS B 271 -17.55 9.24 -26.14
C LYS B 271 -18.68 8.60 -26.95
N ILE B 272 -18.71 7.27 -27.01
CA ILE B 272 -19.77 6.59 -27.74
C ILE B 272 -21.09 6.87 -27.03
N GLN B 273 -21.07 6.85 -25.70
CA GLN B 273 -22.28 7.10 -24.93
C GLN B 273 -22.81 8.51 -25.21
N LEU B 274 -21.91 9.49 -25.24
CA LEU B 274 -22.29 10.87 -25.51
C LEU B 274 -22.87 11.06 -26.89
N HIS B 275 -22.20 10.53 -27.89
CA HIS B 275 -22.68 10.65 -29.27
C HIS B 275 -23.98 9.87 -29.45
N SER B 276 -24.07 8.72 -28.79
CA SER B 276 -25.26 7.88 -28.88
C SER B 276 -26.41 8.45 -28.08
N GLY B 277 -26.10 9.29 -27.09
CA GLY B 277 -27.15 9.89 -26.28
C GLY B 277 -27.66 8.95 -25.20
N SER B 278 -26.99 7.83 -25.02
CA SER B 278 -27.39 6.85 -24.01
C SER B 278 -26.16 6.20 -23.38
N LYS B 279 -26.33 5.63 -22.19
CA LYS B 279 -25.23 4.97 -21.52
C LYS B 279 -25.24 3.48 -21.84
N LEU B 280 -24.08 2.87 -21.76
CA LEU B 280 -23.97 1.43 -21.99
C LEU B 280 -24.53 0.80 -20.73
N ALA B 281 -24.76 -0.50 -20.75
CA ALA B 281 -25.29 -1.18 -19.57
C ALA B 281 -24.25 -1.17 -18.45
N TYR B 282 -22.98 -1.27 -18.83
CA TYR B 282 -21.91 -1.28 -17.85
C TYR B 282 -20.57 -1.57 -18.50
N LEU B 283 -19.51 -1.34 -17.73
CA LEU B 283 -18.16 -1.63 -18.16
C LEU B 283 -17.76 -2.74 -17.20
N HIS B 284 -17.29 -3.86 -17.77
CA HIS B 284 -16.89 -5.03 -17.01
C HIS B 284 -15.37 -5.16 -17.15
N VAL B 285 -14.66 -5.12 -16.02
CA VAL B 285 -13.21 -5.21 -16.07
C VAL B 285 -12.64 -6.32 -15.18
N THR B 286 -11.69 -7.06 -15.76
CA THR B 286 -11.06 -8.15 -15.05
C THR B 286 -9.73 -7.67 -14.49
N GLN B 287 -9.41 -8.07 -13.27
CA GLN B 287 -8.14 -7.68 -12.66
C GLN B 287 -7.29 -8.94 -12.49
N PRO B 288 -5.97 -8.83 -12.68
CA PRO B 288 -5.03 -9.95 -12.55
C PRO B 288 -5.13 -10.67 -11.21
N SER B 303 1.94 -6.30 -10.89
CA SER B 303 2.84 -6.70 -9.81
C SER B 303 2.36 -6.16 -8.47
N GLU B 304 2.71 -4.91 -8.18
CA GLU B 304 2.32 -4.28 -6.92
C GLU B 304 0.81 -4.19 -6.80
N GLU B 305 0.33 -3.93 -5.59
CA GLU B 305 -1.11 -3.79 -5.35
C GLU B 305 -1.58 -2.50 -6.00
N GLU B 306 -0.80 -2.03 -6.96
CA GLU B 306 -1.11 -0.82 -7.70
C GLU B 306 -2.25 -1.18 -8.66
N GLU B 307 -2.74 -2.41 -8.52
CA GLU B 307 -3.82 -2.92 -9.35
C GLU B 307 -5.12 -2.28 -8.91
N ALA B 308 -5.36 -2.28 -7.60
CA ALA B 308 -6.57 -1.69 -7.06
C ALA B 308 -6.67 -0.25 -7.54
N ARG B 309 -5.52 0.42 -7.62
CA ARG B 309 -5.47 1.80 -8.07
C ARG B 309 -5.86 1.88 -9.55
N LEU B 310 -5.26 1.03 -10.38
CA LEU B 310 -5.57 1.02 -11.80
C LEU B 310 -7.07 0.79 -11.97
N MET B 311 -7.59 -0.22 -11.29
CA MET B 311 -9.01 -0.54 -11.35
C MET B 311 -9.88 0.63 -10.90
N ARG B 312 -9.49 1.29 -9.81
CA ARG B 312 -10.28 2.42 -9.31
C ARG B 312 -10.13 3.62 -10.25
N THR B 313 -8.96 3.75 -10.86
CA THR B 313 -8.71 4.84 -11.79
C THR B 313 -9.61 4.68 -13.02
N LEU B 314 -9.78 3.44 -13.49
CA LEU B 314 -10.63 3.18 -14.65
C LEU B 314 -12.09 3.44 -14.30
N ARG B 315 -12.50 2.93 -13.15
CA ARG B 315 -13.87 3.09 -12.68
C ARG B 315 -14.25 4.56 -12.54
N ASN B 316 -13.38 5.35 -11.93
CA ASN B 316 -13.68 6.78 -11.76
C ASN B 316 -13.72 7.49 -13.11
N ALA B 317 -12.98 6.97 -14.08
CA ALA B 317 -12.93 7.58 -15.40
C ALA B 317 -14.15 7.23 -16.25
N TYR B 318 -14.70 6.04 -16.05
CA TYR B 318 -15.85 5.61 -16.84
C TYR B 318 -17.18 6.11 -16.29
N GLN B 319 -17.93 6.82 -17.13
CA GLN B 319 -19.22 7.36 -16.75
C GLN B 319 -20.33 6.32 -16.89
N GLY B 320 -20.43 5.43 -15.91
CA GLY B 320 -21.46 4.40 -15.94
C GLY B 320 -21.27 3.32 -14.89
N THR B 321 -22.07 2.27 -14.99
CA THR B 321 -22.00 1.16 -14.05
C THR B 321 -20.68 0.39 -14.24
N PHE B 322 -20.04 0.07 -13.12
CA PHE B 322 -18.76 -0.65 -13.15
C PHE B 322 -18.87 -2.02 -12.47
N ILE B 323 -18.47 -3.06 -13.19
CA ILE B 323 -18.50 -4.41 -12.65
C ILE B 323 -17.07 -4.94 -12.56
N CYS B 324 -16.62 -5.21 -11.33
CA CYS B 324 -15.27 -5.73 -11.11
C CYS B 324 -15.31 -7.26 -11.08
N SER B 325 -14.24 -7.90 -11.53
CA SER B 325 -14.21 -9.35 -11.53
C SER B 325 -12.79 -9.89 -11.46
N GLY B 326 -12.62 -11.02 -10.77
CA GLY B 326 -11.29 -11.60 -10.67
C GLY B 326 -10.79 -11.86 -9.27
N GLY B 327 -10.88 -13.12 -8.85
CA GLY B 327 -10.42 -13.49 -7.53
C GLY B 327 -11.16 -12.83 -6.40
N TYR B 328 -12.42 -12.46 -6.63
CA TYR B 328 -13.19 -11.83 -5.58
C TYR B 328 -13.82 -12.87 -4.67
N THR B 329 -14.03 -12.47 -3.41
CA THR B 329 -14.63 -13.33 -2.40
C THR B 329 -15.75 -12.55 -1.74
N ARG B 330 -16.42 -13.17 -0.76
CA ARG B 330 -17.49 -12.50 -0.06
C ARG B 330 -16.88 -11.25 0.58
N GLU B 331 -15.78 -11.44 1.30
CA GLU B 331 -15.08 -10.35 1.97
C GLU B 331 -14.65 -9.25 1.00
N LEU B 332 -13.92 -9.61 -0.05
CA LEU B 332 -13.46 -8.64 -1.03
C LEU B 332 -14.60 -7.97 -1.79
N GLY B 333 -15.65 -8.75 -2.07
CA GLY B 333 -16.79 -8.19 -2.77
C GLY B 333 -17.36 -7.04 -1.96
N ILE B 334 -17.70 -7.35 -0.70
CA ILE B 334 -18.24 -6.35 0.22
C ILE B 334 -17.35 -5.12 0.22
N GLU B 335 -16.05 -5.33 0.29
CA GLU B 335 -15.08 -4.24 0.30
C GLU B 335 -15.23 -3.40 -0.98
N ALA B 336 -15.36 -4.06 -2.12
CA ALA B 336 -15.48 -3.36 -3.40
C ALA B 336 -16.66 -2.38 -3.40
N VAL B 337 -17.83 -2.87 -3.01
CA VAL B 337 -19.01 -2.03 -2.98
C VAL B 337 -18.86 -0.96 -1.89
N ALA B 338 -18.55 -1.41 -0.68
CA ALA B 338 -18.37 -0.51 0.45
C ALA B 338 -17.48 0.68 0.11
N GLN B 339 -16.30 0.40 -0.43
CA GLN B 339 -15.37 1.47 -0.79
C GLN B 339 -15.75 2.18 -2.08
N GLY B 340 -16.82 1.74 -2.71
CA GLY B 340 -17.26 2.35 -3.96
C GLY B 340 -16.31 2.09 -5.12
N ASP B 341 -15.58 0.98 -5.05
CA ASP B 341 -14.63 0.62 -6.10
C ASP B 341 -15.35 -0.01 -7.29
N ALA B 342 -16.58 -0.47 -7.05
CA ALA B 342 -17.37 -1.08 -8.10
C ALA B 342 -18.84 -1.08 -7.71
N ASP B 343 -19.71 -1.12 -8.71
CA ASP B 343 -21.14 -1.15 -8.47
C ASP B 343 -21.60 -2.59 -8.36
N LEU B 344 -20.95 -3.46 -9.13
CA LEU B 344 -21.31 -4.88 -9.12
C LEU B 344 -20.06 -5.75 -9.10
N VAL B 345 -20.19 -6.94 -8.51
CA VAL B 345 -19.08 -7.87 -8.39
C VAL B 345 -19.49 -9.20 -9.03
N SER B 346 -18.79 -9.60 -10.09
CA SER B 346 -19.12 -10.86 -10.74
C SER B 346 -18.22 -11.97 -10.21
N TYR B 347 -18.82 -13.11 -9.90
CA TYR B 347 -18.10 -14.27 -9.37
C TYR B 347 -18.05 -15.42 -10.37
N GLY B 348 -16.88 -16.03 -10.48
CA GLY B 348 -16.71 -17.14 -11.40
C GLY B 348 -16.72 -18.50 -10.72
N ARG B 349 -15.52 -18.99 -10.40
CA ARG B 349 -15.34 -20.29 -9.77
C ARG B 349 -16.25 -20.63 -8.59
N LEU B 350 -16.41 -19.71 -7.66
CA LEU B 350 -17.28 -19.98 -6.51
C LEU B 350 -18.71 -20.16 -6.97
N PHE B 351 -19.09 -19.48 -8.06
CA PHE B 351 -20.45 -19.60 -8.56
C PHE B 351 -20.62 -20.94 -9.26
N ILE B 352 -19.51 -21.56 -9.64
CA ILE B 352 -19.55 -22.86 -10.30
C ILE B 352 -19.93 -23.94 -9.30
N SER B 353 -19.24 -23.94 -8.16
CA SER B 353 -19.48 -24.92 -7.11
C SER B 353 -20.68 -24.59 -6.23
N ASN B 354 -21.07 -23.32 -6.22
CA ASN B 354 -22.20 -22.91 -5.40
C ASN B 354 -23.35 -22.29 -6.21
N PRO B 355 -24.37 -23.12 -6.54
CA PRO B 355 -25.50 -22.61 -7.30
C PRO B 355 -26.25 -21.52 -6.55
N ASP B 356 -26.37 -21.70 -5.23
CA ASP B 356 -27.05 -20.73 -4.39
C ASP B 356 -26.05 -19.80 -3.72
N LEU B 357 -24.98 -19.49 -4.45
CA LEU B 357 -23.92 -18.62 -3.95
C LEU B 357 -24.44 -17.31 -3.38
N VAL B 358 -25.47 -16.75 -4.02
CA VAL B 358 -26.04 -15.50 -3.55
C VAL B 358 -26.55 -15.68 -2.13
N MET B 359 -27.46 -16.64 -1.96
CA MET B 359 -28.05 -16.94 -0.66
C MET B 359 -26.96 -17.15 0.40
N ARG B 360 -25.92 -17.88 0.02
CA ARG B 360 -24.82 -18.17 0.93
C ARG B 360 -24.05 -16.93 1.34
N ILE B 361 -23.68 -16.11 0.36
CA ILE B 361 -22.94 -14.89 0.66
C ILE B 361 -23.78 -13.99 1.57
N LYS B 362 -25.10 -14.17 1.50
CA LYS B 362 -26.02 -13.38 2.32
C LYS B 362 -26.05 -13.90 3.75
N LEU B 363 -26.15 -15.22 3.89
CA LEU B 363 -26.20 -15.86 5.19
C LEU B 363 -24.78 -16.05 5.73
N ASN B 364 -23.80 -15.74 4.88
CA ASN B 364 -22.40 -15.86 5.22
C ASN B 364 -22.07 -17.34 5.47
N ALA B 365 -22.90 -18.22 4.93
CA ALA B 365 -22.72 -19.66 5.08
C ALA B 365 -21.46 -20.19 4.39
N PRO B 366 -21.11 -21.46 4.64
CA PRO B 366 -19.93 -22.08 4.03
C PRO B 366 -20.09 -22.18 2.51
N LEU B 367 -18.98 -22.28 1.79
CA LEU B 367 -19.02 -22.38 0.33
C LEU B 367 -18.40 -23.69 -0.15
N ASN B 368 -19.12 -24.40 -1.00
CA ASN B 368 -18.61 -25.66 -1.54
C ASN B 368 -17.34 -25.38 -2.35
N LYS B 369 -16.37 -26.28 -2.29
CA LYS B 369 -15.15 -26.12 -3.05
C LYS B 369 -15.55 -26.45 -4.49
N TYR B 370 -14.69 -26.11 -5.44
CA TYR B 370 -14.98 -26.38 -6.85
C TYR B 370 -13.96 -27.32 -7.48
N ASN B 371 -14.43 -28.21 -8.35
CA ASN B 371 -13.54 -29.16 -9.00
C ASN B 371 -13.13 -28.73 -10.40
N ARG B 372 -11.92 -28.19 -10.50
CA ARG B 372 -11.35 -27.71 -11.74
C ARG B 372 -11.33 -28.80 -12.83
N LYS B 373 -11.44 -30.06 -12.41
CA LYS B 373 -11.41 -31.16 -13.36
C LYS B 373 -12.68 -31.28 -14.21
N THR B 374 -13.79 -30.78 -13.70
CA THR B 374 -15.05 -30.84 -14.44
C THR B 374 -15.50 -29.47 -14.95
N PHE B 375 -14.53 -28.57 -15.12
CA PHE B 375 -14.83 -27.22 -15.62
C PHE B 375 -15.18 -27.26 -17.09
N TYR B 376 -14.43 -28.06 -17.86
CA TYR B 376 -14.62 -28.14 -19.30
C TYR B 376 -15.08 -29.49 -19.84
N THR B 377 -15.67 -30.31 -18.99
CA THR B 377 -16.16 -31.63 -19.41
C THR B 377 -17.54 -31.47 -20.04
N GLN B 378 -17.99 -32.49 -20.77
CA GLN B 378 -19.27 -32.42 -21.46
C GLN B 378 -20.47 -33.03 -20.75
N ASP B 379 -20.27 -33.68 -19.61
CA ASP B 379 -21.39 -34.28 -18.90
C ASP B 379 -22.36 -33.18 -18.51
N PRO B 380 -23.66 -33.37 -18.78
CA PRO B 380 -24.68 -32.36 -18.45
C PRO B 380 -24.98 -32.20 -16.96
N VAL B 381 -24.51 -33.14 -16.15
CA VAL B 381 -24.78 -33.07 -14.72
C VAL B 381 -23.55 -33.11 -13.83
N VAL B 382 -22.64 -34.06 -14.09
CA VAL B 382 -21.44 -34.20 -13.29
C VAL B 382 -20.53 -32.97 -13.30
N GLY B 383 -20.38 -32.36 -12.12
CA GLY B 383 -19.55 -31.18 -11.98
C GLY B 383 -20.14 -29.95 -12.66
N TYR B 384 -21.43 -30.02 -12.97
CA TYR B 384 -22.09 -28.90 -13.64
C TYR B 384 -23.31 -28.45 -12.86
N THR B 385 -24.27 -29.34 -12.68
CA THR B 385 -25.49 -29.02 -11.94
C THR B 385 -25.64 -29.83 -10.66
N ASP B 386 -24.69 -30.72 -10.39
CA ASP B 386 -24.77 -31.55 -9.18
C ASP B 386 -24.16 -30.94 -7.92
N TYR B 387 -23.62 -29.72 -8.01
CA TYR B 387 -23.09 -29.06 -6.82
C TYR B 387 -24.36 -28.76 -6.03
N PRO B 388 -24.46 -29.27 -4.79
CA PRO B 388 -25.63 -29.07 -3.93
C PRO B 388 -25.87 -27.70 -3.32
N PHE B 389 -27.14 -27.39 -3.10
CA PHE B 389 -27.55 -26.13 -2.47
C PHE B 389 -27.41 -26.37 -0.97
N LEU B 390 -27.58 -25.32 -0.19
CA LEU B 390 -27.47 -25.45 1.26
C LEU B 390 -28.40 -26.53 1.77
N GLN B 391 -27.84 -27.45 2.55
CA GLN B 391 -28.60 -28.56 3.13
C GLN B 391 -29.81 -28.02 3.89
#